data_8PMS
#
_entry.id   8PMS
#
_cell.length_a   101.018
_cell.length_b   101.018
_cell.length_c   366.335
_cell.angle_alpha   90.000
_cell.angle_beta   90.000
_cell.angle_gamma   90.000
#
_symmetry.space_group_name_H-M   'P 41 21 2'
#
loop_
_entity.id
_entity.type
_entity.pdbx_description
1 polymer 'Conidial surface nicotinamide adenine dinucleotide glycohydrolase nadA'
2 branched 2-acetamido-2-deoxy-beta-D-glucopyranose-(1-4)-[alpha-L-fucopyranose-(1-6)]2-acetamido-2-deoxy-beta-D-glucopyranose
3 branched alpha-D-mannopyranose-(1-3)-beta-D-mannopyranose-(1-4)-2-acetamido-2-deoxy-beta-D-glucopyranose-(1-4)-[alpha-L-fucopyranose-(1-6)]2-acetamido-2-deoxy-beta-D-glucopyranose
4 branched 2-acetamido-2-deoxy-beta-D-glucopyranose-(1-4)-2-acetamido-2-deoxy-beta-D-glucopyranose
5 non-polymer 2-acetamido-2-deoxy-beta-D-glucopyranose
6 non-polymer GLYCEROL
7 non-polymer '4-(2-HYDROXYETHYL)-1-PIPERAZINE ETHANESULFONIC ACID'
8 non-polymer 'ACRYLIC ACID'
9 water water
#
_entity_poly.entity_id   1
_entity_poly.type   'polypeptide(L)'
_entity_poly.pdbx_seq_one_letter_code
;MIFTNAILVISALLPATVLSLQHTEDSLFPARCWPDPCAGITFQNDTYVCGDPRLGPVVLPQKFPLNNELRTYARFGALC
PAEFLDKWATDVAPNGTYIYPPANGFALDTEEQPILGNATLPVGMKLDRFGSEYGTFLAPLGAPYIERSLPPSNLNTFDG
MYPYNYHVYQVTKEFVVGLGPIAPWFEQPGMGTQFVTYTNVLGLIDDGYLRREDPQRLVPRNYGTDVLFQGPGHHHHHH
;
_entity_poly.pdbx_strand_id   A,B,C,D
#
loop_
_chem_comp.id
_chem_comp.type
_chem_comp.name
_chem_comp.formula
AKR non-polymer 'ACRYLIC ACID' 'C3 H4 O2'
BMA D-saccharide, beta linking beta-D-mannopyranose 'C6 H12 O6'
EPE non-polymer '4-(2-HYDROXYETHYL)-1-PIPERAZINE ETHANESULFONIC ACID' 'C8 H18 N2 O4 S'
FUC L-saccharide, alpha linking alpha-L-fucopyranose 'C6 H12 O5'
GOL non-polymer GLYCEROL 'C3 H8 O3'
MAN D-saccharide, alpha linking alpha-D-mannopyranose 'C6 H12 O6'
NAG D-saccharide, beta linking 2-acetamido-2-deoxy-beta-D-glucopyranose 'C8 H15 N O6'
#
# COMPACT_ATOMS: atom_id res chain seq x y z
N SER A 27 -16.24 0.64 -8.89
CA SER A 27 -14.92 0.34 -8.35
C SER A 27 -14.11 -0.61 -9.26
N LEU A 28 -14.71 -1.01 -10.40
CA LEU A 28 -14.03 -1.87 -11.36
C LEU A 28 -12.68 -1.25 -11.76
N PHE A 29 -12.72 -0.02 -12.24
CA PHE A 29 -11.58 0.79 -12.67
C PHE A 29 -11.27 1.88 -11.64
N PRO A 30 -9.97 2.23 -11.41
CA PRO A 30 -9.64 3.50 -10.73
C PRO A 30 -10.47 4.68 -11.27
N ALA A 31 -10.91 5.59 -10.38
CA ALA A 31 -11.76 6.69 -10.82
C ALA A 31 -11.14 7.54 -11.93
N ARG A 32 -9.82 7.73 -11.91
CA ARG A 32 -9.15 8.55 -12.93
C ARG A 32 -9.33 7.99 -14.34
N CYS A 33 -9.62 6.70 -14.47
CA CYS A 33 -9.65 6.08 -15.79
C CYS A 33 -10.88 6.47 -16.59
N TRP A 34 -11.91 7.03 -15.95
CA TRP A 34 -13.09 7.48 -16.67
C TRP A 34 -12.76 8.82 -17.33
N PRO A 35 -13.46 9.17 -18.42
CA PRO A 35 -14.65 8.58 -19.03
C PRO A 35 -14.44 7.35 -19.94
N ASP A 36 -13.21 7.01 -20.35
CA ASP A 36 -12.99 5.92 -21.32
C ASP A 36 -11.92 4.99 -20.72
N PRO A 37 -12.29 4.17 -19.72
CA PRO A 37 -11.30 3.31 -19.06
C PRO A 37 -10.69 2.25 -19.97
N CYS A 38 -11.38 1.85 -21.03
CA CYS A 38 -10.87 0.82 -21.90
C CYS A 38 -9.93 1.34 -22.96
N ALA A 39 -9.49 2.59 -22.83
CA ALA A 39 -8.60 3.18 -23.83
C ALA A 39 -7.39 2.28 -24.02
N GLY A 40 -7.02 2.01 -25.28
CA GLY A 40 -5.87 1.18 -25.58
C GLY A 40 -6.09 -0.32 -25.58
N ILE A 41 -7.27 -0.81 -25.21
CA ILE A 41 -7.51 -2.26 -25.12
C ILE A 41 -8.26 -2.73 -26.34
N THR A 42 -7.71 -3.74 -27.01
CA THR A 42 -8.37 -4.37 -28.12
C THR A 42 -9.50 -5.30 -27.67
N PHE A 43 -10.68 -5.09 -28.20
CA PHE A 43 -11.90 -5.82 -27.88
C PHE A 43 -12.01 -7.15 -28.58
N GLN A 44 -12.07 -8.22 -27.79
CA GLN A 44 -12.16 -9.56 -28.38
C GLN A 44 -13.53 -10.21 -28.13
N ASN A 45 -14.06 -10.11 -26.91
CA ASN A 45 -15.22 -10.92 -26.51
C ASN A 45 -15.90 -10.22 -25.34
N ASP A 46 -17.18 -9.85 -25.45
CA ASP A 46 -17.78 -9.00 -24.42
C ASP A 46 -18.03 -9.70 -23.06
N THR A 47 -17.72 -10.98 -22.91
CA THR A 47 -17.72 -11.62 -21.59
C THR A 47 -16.70 -11.00 -20.64
N TYR A 48 -15.65 -10.39 -21.17
CA TYR A 48 -14.48 -10.01 -20.40
C TYR A 48 -14.40 -8.50 -20.28
N VAL A 49 -13.71 -8.04 -19.23
CA VAL A 49 -13.61 -6.60 -19.03
C VAL A 49 -12.91 -5.97 -20.21
N CYS A 50 -13.49 -4.88 -20.72
CA CYS A 50 -13.02 -4.22 -21.94
C CYS A 50 -12.91 -5.20 -23.12
N GLY A 51 -13.58 -6.35 -23.02
CA GLY A 51 -13.53 -7.38 -24.06
C GLY A 51 -12.25 -8.20 -24.11
N ASP A 52 -11.38 -8.09 -23.12
CA ASP A 52 -10.05 -8.72 -23.15
C ASP A 52 -9.95 -9.77 -22.04
N PRO A 53 -9.87 -11.06 -22.38
CA PRO A 53 -9.85 -12.10 -21.34
C PRO A 53 -8.74 -11.95 -20.33
N ARG A 54 -7.61 -11.36 -20.72
CA ARG A 54 -6.54 -11.15 -19.76
C ARG A 54 -6.97 -10.30 -18.58
N LEU A 55 -8.04 -9.50 -18.73
CA LEU A 55 -8.47 -8.58 -17.69
C LEU A 55 -9.56 -9.21 -16.85
N GLY A 56 -9.86 -10.49 -17.09
CA GLY A 56 -10.78 -11.22 -16.25
C GLY A 56 -12.20 -10.91 -16.67
N PRO A 57 -13.13 -11.57 -16.01
CA PRO A 57 -14.56 -11.52 -16.40
C PRO A 57 -15.29 -10.27 -15.92
N VAL A 58 -16.34 -9.90 -16.67
CA VAL A 58 -17.17 -8.80 -16.18
C VAL A 58 -17.83 -9.25 -14.89
N VAL A 59 -18.41 -10.46 -14.94
CA VAL A 59 -19.11 -11.08 -13.82
C VAL A 59 -18.07 -11.87 -13.02
N LEU A 60 -17.95 -11.61 -11.81
CA LEU A 60 -16.90 -12.38 -11.14
C LEU A 60 -17.48 -13.62 -10.48
N PRO A 61 -16.68 -14.69 -10.37
CA PRO A 61 -17.21 -15.94 -9.81
C PRO A 61 -17.71 -15.72 -8.39
N GLN A 62 -18.98 -15.91 -8.21
CA GLN A 62 -19.83 -15.61 -7.08
C GLN A 62 -19.42 -16.38 -5.87
N LYS A 63 -18.34 -17.13 -5.85
CA LYS A 63 -18.03 -17.96 -4.70
C LYS A 63 -16.63 -17.69 -4.16
N PHE A 64 -15.86 -16.79 -4.80
CA PHE A 64 -14.70 -16.13 -4.21
C PHE A 64 -15.08 -14.73 -3.78
N PRO A 65 -15.25 -14.45 -2.47
N PRO A 65 -15.17 -14.46 -2.46
CA PRO A 65 -15.65 -13.07 -2.07
CA PRO A 65 -15.39 -13.07 -2.01
C PRO A 65 -14.59 -11.98 -2.23
C PRO A 65 -14.25 -12.12 -2.38
N LEU A 66 -13.31 -12.31 -1.97
N LEU A 66 -13.06 -12.64 -2.73
CA LEU A 66 -12.12 -11.48 -2.21
CA LEU A 66 -11.96 -11.87 -3.34
C LEU A 66 -12.00 -10.26 -1.29
C LEU A 66 -11.44 -10.74 -2.46
N ASN A 67 -13.06 -9.86 -0.61
N ASN A 67 -12.32 -9.75 -2.24
CA ASN A 67 -13.07 -8.57 0.08
CA ASN A 67 -12.02 -8.54 -1.48
C ASN A 67 -13.47 -8.71 1.55
C ASN A 67 -11.93 -8.92 -0.01
N ASN A 68 -13.02 -7.74 2.34
N ASN A 68 -11.04 -9.87 0.31
CA ASN A 68 -13.52 -7.51 3.67
CA ASN A 68 -11.18 -10.59 1.56
C ASN A 68 -13.43 -6.01 3.95
C ASN A 68 -10.26 -10.10 2.66
N GLU A 69 -13.71 -5.61 5.20
N GLU A 69 -9.28 -9.27 2.34
CA GLU A 69 -13.85 -4.20 5.54
CA GLU A 69 -8.63 -8.57 3.44
C GLU A 69 -12.53 -3.43 5.49
C GLU A 69 -9.54 -7.43 3.89
N LEU A 70 -11.40 -4.13 5.47
N LEU A 70 -9.05 -6.62 4.82
CA LEU A 70 -10.09 -3.50 5.49
CA LEU A 70 -9.84 -5.48 5.27
C LEU A 70 -9.38 -3.49 4.14
C LEU A 70 -10.06 -4.47 4.14
N ARG A 71 -9.57 -4.53 3.30
N ARG A 71 -9.30 -4.55 3.05
CA ARG A 71 -8.87 -4.62 2.03
CA ARG A 71 -9.46 -3.48 2.09
C ARG A 71 -9.82 -5.11 0.95
C ARG A 71 -10.38 -3.82 0.93
N THR A 72 -9.83 -4.40 -0.17
CA THR A 72 -10.64 -4.71 -1.35
C THR A 72 -9.75 -5.09 -2.53
N TYR A 73 -10.29 -5.80 -3.50
CA TYR A 73 -9.57 -6.42 -4.60
C TYR A 73 -9.65 -5.39 -5.70
N ALA A 74 -8.54 -4.74 -5.97
CA ALA A 74 -8.38 -3.90 -7.14
C ALA A 74 -7.69 -4.64 -8.28
N ARG A 75 -8.49 -4.98 -9.27
CA ARG A 75 -8.07 -5.92 -10.29
C ARG A 75 -6.83 -5.40 -11.01
N PHE A 76 -6.74 -4.07 -11.21
CA PHE A 76 -5.63 -3.42 -11.91
C PHE A 76 -4.74 -2.60 -10.97
N GLY A 77 -4.91 -2.75 -9.66
CA GLY A 77 -4.27 -1.86 -8.71
C GLY A 77 -4.73 -0.43 -8.93
N ALA A 78 -3.80 0.52 -8.97
CA ALA A 78 -4.16 1.89 -9.30
C ALA A 78 -3.95 2.20 -10.79
N LEU A 79 -3.60 1.21 -11.61
CA LEU A 79 -3.38 1.49 -13.03
C LEU A 79 -4.68 1.42 -13.82
N CYS A 80 -4.67 2.04 -15.01
CA CYS A 80 -5.81 1.74 -15.88
C CYS A 80 -5.49 0.52 -16.72
N PRO A 81 -6.51 -0.13 -17.31
CA PRO A 81 -6.26 -1.41 -18.03
C PRO A 81 -5.09 -1.45 -18.99
N ALA A 82 -4.98 -0.49 -19.92
CA ALA A 82 -3.87 -0.56 -20.87
C ALA A 82 -2.52 -0.35 -20.18
N GLU A 83 -2.47 0.52 -19.17
CA GLU A 83 -1.24 0.68 -18.40
C GLU A 83 -0.87 -0.64 -17.72
N PHE A 84 -1.89 -1.34 -17.21
CA PHE A 84 -1.64 -2.58 -16.49
C PHE A 84 -1.09 -3.65 -17.43
N LEU A 85 -1.63 -3.73 -18.65
CA LEU A 85 -1.10 -4.73 -19.58
C LEU A 85 0.31 -4.36 -20.04
N ASP A 86 0.56 -3.08 -20.32
CA ASP A 86 1.90 -2.67 -20.71
C ASP A 86 2.95 -3.00 -19.66
N LYS A 87 2.58 -2.85 -18.40
CA LYS A 87 3.54 -3.06 -17.34
C LYS A 87 3.75 -4.55 -17.06
N TRP A 88 2.67 -5.34 -17.04
CA TRP A 88 2.75 -6.72 -16.59
C TRP A 88 2.67 -7.76 -17.69
N ALA A 89 2.50 -7.37 -18.95
CA ALA A 89 2.45 -8.35 -20.02
C ALA A 89 3.46 -7.92 -21.07
N THR A 90 3.74 -8.83 -22.00
CA THR A 90 4.70 -8.55 -23.06
C THR A 90 4.15 -7.58 -24.09
N ASP A 91 2.84 -7.37 -24.13
CA ASP A 91 2.19 -6.53 -25.13
C ASP A 91 0.77 -6.21 -24.68
N VAL A 92 0.34 -4.98 -24.92
CA VAL A 92 -1.05 -4.63 -24.64
C VAL A 92 -1.98 -5.29 -25.67
N ALA A 93 -1.46 -5.57 -26.87
CA ALA A 93 -2.25 -6.23 -27.90
C ALA A 93 -2.60 -7.66 -27.44
N PRO A 94 -3.63 -8.27 -28.05
CA PRO A 94 -4.10 -9.59 -27.56
C PRO A 94 -3.05 -10.70 -27.47
N ASN A 95 -1.99 -10.66 -28.28
CA ASN A 95 -0.94 -11.67 -28.23
C ASN A 95 0.04 -11.49 -27.08
N GLY A 96 -0.09 -10.43 -26.29
CA GLY A 96 0.78 -10.26 -25.14
C GLY A 96 0.44 -11.28 -24.07
N THR A 97 1.47 -11.71 -23.35
CA THR A 97 1.27 -12.66 -22.26
C THR A 97 1.87 -12.12 -20.97
N TYR A 98 1.28 -12.57 -19.87
CA TYR A 98 1.72 -12.10 -18.56
C TYR A 98 3.15 -12.50 -18.24
N ILE A 99 3.87 -11.58 -17.60
CA ILE A 99 5.21 -11.87 -17.12
C ILE A 99 5.12 -12.24 -15.64
N TYR A 100 5.74 -13.37 -15.29
CA TYR A 100 5.63 -13.86 -13.92
C TYR A 100 6.89 -13.51 -13.14
N PRO A 101 6.80 -13.48 -11.81
CA PRO A 101 7.96 -13.08 -10.99
C PRO A 101 9.09 -14.10 -10.99
N PRO A 102 10.28 -13.65 -10.60
CA PRO A 102 11.43 -14.55 -10.47
C PRO A 102 11.32 -15.42 -9.23
N ALA A 103 12.26 -16.35 -9.14
CA ALA A 103 12.40 -17.24 -7.98
C ALA A 103 11.08 -17.87 -7.59
N ASN A 104 10.31 -18.28 -8.59
CA ASN A 104 9.04 -18.98 -8.40
C ASN A 104 8.04 -18.14 -7.60
N GLY A 105 8.18 -16.83 -7.60
CA GLY A 105 7.24 -15.96 -6.90
C GLY A 105 7.38 -15.88 -5.41
N PHE A 106 8.41 -16.50 -4.82
CA PHE A 106 8.65 -16.37 -3.39
C PHE A 106 9.17 -14.98 -3.03
N ALA A 107 8.74 -14.48 -1.87
CA ALA A 107 9.25 -13.20 -1.40
C ALA A 107 10.77 -13.32 -1.27
N LEU A 108 11.48 -12.22 -1.57
CA LEU A 108 12.93 -12.19 -1.58
C LEU A 108 13.48 -11.46 -0.37
N ASP A 109 14.57 -12.03 0.20
CA ASP A 109 15.23 -11.41 1.35
C ASP A 109 16.14 -10.27 0.88
N THR A 110 16.85 -9.63 1.82
CA THR A 110 17.67 -8.47 1.48
C THR A 110 18.84 -8.81 0.58
N GLU A 111 19.18 -10.08 0.42
CA GLU A 111 20.21 -10.52 -0.51
C GLU A 111 19.64 -11.05 -1.82
N GLU A 112 18.36 -10.80 -2.09
CA GLU A 112 17.69 -11.18 -3.33
C GLU A 112 17.47 -12.67 -3.49
N GLN A 113 17.47 -13.44 -2.40
CA GLN A 113 17.22 -14.88 -2.32
C GLN A 113 15.81 -15.19 -1.87
N PRO A 114 15.14 -16.16 -2.49
CA PRO A 114 13.77 -16.49 -2.07
C PRO A 114 13.77 -17.04 -0.66
N ILE A 115 12.73 -16.71 0.09
CA ILE A 115 12.52 -17.16 1.46
C ILE A 115 11.61 -18.37 1.43
N LEU A 116 12.14 -19.52 1.82
CA LEU A 116 11.35 -20.74 1.93
C LEU A 116 12.13 -21.78 2.72
N GLY A 117 11.47 -22.89 2.99
CA GLY A 117 12.17 -24.05 3.54
C GLY A 117 11.39 -25.28 3.19
N ASN A 118 12.09 -26.41 3.16
CA ASN A 118 11.42 -27.70 3.04
C ASN A 118 10.64 -28.00 4.32
N ALA A 119 9.34 -28.28 4.18
CA ALA A 119 8.49 -28.56 5.33
C ALA A 119 7.56 -29.72 5.00
N THR A 120 7.20 -30.47 6.03
CA THR A 120 6.27 -31.59 5.88
C THR A 120 4.83 -31.13 6.01
N LEU A 121 3.99 -31.48 5.02
CA LEU A 121 2.56 -31.21 5.12
C LEU A 121 1.85 -32.39 5.78
N PRO A 122 1.05 -32.13 6.81
CA PRO A 122 0.43 -33.22 7.57
C PRO A 122 -0.87 -33.72 6.94
N VAL A 123 -1.16 -34.98 7.24
CA VAL A 123 -2.41 -35.62 6.83
C VAL A 123 -3.58 -34.79 7.33
N GLY A 124 -4.55 -34.53 6.46
CA GLY A 124 -5.69 -33.72 6.80
C GLY A 124 -5.65 -32.30 6.27
N MET A 125 -4.48 -31.76 5.98
CA MET A 125 -4.40 -30.38 5.52
C MET A 125 -5.16 -30.15 4.21
N LYS A 126 -5.85 -29.02 4.13
CA LYS A 126 -6.66 -28.64 2.97
C LYS A 126 -5.89 -27.65 2.10
N LEU A 127 -5.75 -27.97 0.83
CA LEU A 127 -4.98 -27.21 -0.14
C LEU A 127 -5.90 -26.86 -1.30
N ASP A 128 -5.58 -25.78 -2.02
CA ASP A 128 -6.26 -25.51 -3.27
C ASP A 128 -5.21 -25.00 -4.25
N ARG A 129 -5.63 -24.77 -5.49
CA ARG A 129 -4.71 -24.50 -6.61
C ARG A 129 -5.46 -23.88 -7.78
N PHE A 130 -4.80 -22.91 -8.43
CA PHE A 130 -5.20 -22.38 -9.74
C PHE A 130 -4.27 -22.91 -10.81
N GLY A 131 -4.77 -23.87 -11.54
CA GLY A 131 -4.02 -24.40 -12.66
C GLY A 131 -4.30 -25.87 -12.80
N SER A 132 -3.76 -26.43 -13.86
CA SER A 132 -3.99 -27.82 -14.16
C SER A 132 -3.15 -28.66 -13.19
N GLU A 133 -3.46 -29.95 -13.15
CA GLU A 133 -2.79 -30.85 -12.22
C GLU A 133 -1.44 -31.27 -12.76
N TYR A 134 -1.04 -30.70 -13.90
CA TYR A 134 0.32 -30.86 -14.36
C TYR A 134 1.27 -29.96 -13.59
N GLY A 135 0.73 -29.04 -12.80
CA GLY A 135 1.47 -28.06 -12.03
C GLY A 135 2.04 -28.55 -10.71
N THR A 136 2.73 -27.62 -10.02
CA THR A 136 3.41 -27.93 -8.77
C THR A 136 3.21 -26.89 -7.68
N PHE A 137 2.30 -25.93 -7.86
CA PHE A 137 2.09 -24.86 -6.88
C PHE A 137 0.72 -24.96 -6.24
N LEU A 138 0.68 -25.05 -4.91
CA LEU A 138 -0.59 -25.02 -4.20
C LEU A 138 -0.54 -23.97 -3.11
N ALA A 139 -1.72 -23.70 -2.57
CA ALA A 139 -1.94 -22.75 -1.48
C ALA A 139 -2.82 -23.40 -0.43
N PRO A 140 -2.96 -22.78 0.74
CA PRO A 140 -3.92 -23.33 1.69
C PRO A 140 -5.33 -23.03 1.19
N LEU A 141 -6.23 -24.00 1.38
CA LEU A 141 -7.60 -23.84 0.91
C LEU A 141 -8.18 -22.50 1.35
N GLY A 142 -8.75 -21.76 0.41
CA GLY A 142 -9.47 -20.60 0.85
C GLY A 142 -8.68 -19.32 1.01
N ALA A 143 -7.37 -19.34 0.80
CA ALA A 143 -6.57 -18.13 0.99
C ALA A 143 -7.12 -17.05 0.07
N PRO A 144 -7.25 -15.82 0.54
CA PRO A 144 -7.79 -14.75 -0.31
C PRO A 144 -6.99 -14.60 -1.59
N TYR A 145 -7.69 -14.28 -2.67
CA TYR A 145 -7.04 -14.04 -3.96
C TYR A 145 -5.93 -13.02 -3.95
N ILE A 146 -6.10 -11.92 -3.22
CA ILE A 146 -5.11 -10.86 -3.34
C ILE A 146 -3.77 -11.23 -2.73
N GLU A 147 -3.74 -12.25 -1.88
CA GLU A 147 -2.54 -12.78 -1.27
C GLU A 147 -1.73 -13.65 -2.21
N ARG A 148 -2.33 -14.11 -3.31
CA ARG A 148 -1.69 -15.07 -4.19
C ARG A 148 -0.90 -14.46 -5.33
N SER A 149 -1.00 -13.15 -5.53
CA SER A 149 -0.38 -12.46 -6.66
C SER A 149 -0.60 -13.21 -7.97
N LEU A 150 -1.88 -13.40 -8.30
CA LEU A 150 -2.23 -14.02 -9.56
C LEU A 150 -2.89 -12.96 -10.45
N PRO A 151 -2.70 -13.00 -11.77
CA PRO A 151 -3.32 -11.98 -12.62
C PRO A 151 -4.82 -12.17 -12.73
N PRO A 152 -5.51 -11.16 -13.26
CA PRO A 152 -6.97 -11.22 -13.39
C PRO A 152 -7.50 -12.40 -14.19
N SER A 153 -6.75 -12.92 -15.17
CA SER A 153 -7.43 -13.90 -15.99
C SER A 153 -7.65 -15.21 -15.26
N ASN A 154 -7.00 -15.43 -14.11
CA ASN A 154 -7.32 -16.62 -13.32
C ASN A 154 -8.72 -16.55 -12.73
N LEU A 155 -9.37 -15.39 -12.77
CA LEU A 155 -10.75 -15.31 -12.30
C LEU A 155 -11.78 -15.68 -13.36
N ASN A 156 -11.40 -16.03 -14.60
CA ASN A 156 -12.42 -16.34 -15.58
C ASN A 156 -13.10 -17.63 -15.17
N THR A 157 -14.40 -17.64 -15.36
CA THR A 157 -15.24 -18.77 -15.05
C THR A 157 -16.08 -19.18 -16.24
N PHE A 158 -16.56 -20.42 -16.14
CA PHE A 158 -17.48 -21.08 -17.05
C PHE A 158 -18.86 -21.23 -16.46
N ASP A 159 -18.99 -21.19 -15.13
CA ASP A 159 -20.30 -21.33 -14.52
C ASP A 159 -20.67 -20.21 -13.55
N GLY A 160 -19.82 -19.20 -13.39
CA GLY A 160 -20.10 -18.08 -12.51
C GLY A 160 -19.84 -18.33 -11.05
N MET A 161 -19.94 -19.59 -10.65
CA MET A 161 -19.62 -20.01 -9.29
C MET A 161 -18.13 -19.97 -8.96
N TYR A 162 -17.31 -20.73 -9.71
CA TYR A 162 -15.88 -20.85 -9.42
C TYR A 162 -14.98 -20.61 -10.61
N PRO A 163 -13.75 -20.13 -10.37
CA PRO A 163 -12.77 -19.98 -11.46
C PRO A 163 -12.65 -21.28 -12.24
N TYR A 164 -12.50 -21.17 -13.56
CA TYR A 164 -12.43 -22.33 -14.46
C TYR A 164 -11.23 -23.23 -14.20
N ASN A 165 -10.17 -22.77 -13.53
CA ASN A 165 -9.03 -23.65 -13.30
C ASN A 165 -8.75 -23.90 -11.81
N TYR A 166 -9.78 -23.78 -10.97
CA TYR A 166 -9.68 -23.90 -9.52
C TYR A 166 -9.95 -25.33 -9.02
N HIS A 167 -9.01 -25.88 -8.25
CA HIS A 167 -9.06 -27.23 -7.70
C HIS A 167 -8.79 -27.22 -6.19
N VAL A 168 -9.41 -28.15 -5.46
CA VAL A 168 -9.28 -28.30 -4.01
C VAL A 168 -8.81 -29.72 -3.70
N TYR A 169 -7.83 -29.85 -2.80
CA TYR A 169 -7.23 -31.12 -2.42
C TYR A 169 -7.09 -31.27 -0.92
N GLN A 170 -6.93 -32.52 -0.47
CA GLN A 170 -6.64 -32.82 0.92
C GLN A 170 -5.42 -33.74 1.00
N VAL A 171 -4.48 -33.42 1.88
CA VAL A 171 -3.33 -34.29 2.08
C VAL A 171 -3.77 -35.60 2.71
N THR A 172 -3.40 -36.71 2.07
CA THR A 172 -3.72 -38.04 2.56
C THR A 172 -2.52 -38.81 3.06
N LYS A 173 -1.30 -38.37 2.75
CA LYS A 173 -0.12 -38.98 3.33
C LYS A 173 0.91 -37.86 3.38
N GLU A 174 1.63 -37.78 4.49
CA GLU A 174 2.59 -36.68 4.66
C GLU A 174 3.66 -36.71 3.58
N PHE A 175 4.03 -35.53 3.09
CA PHE A 175 5.12 -35.37 2.13
C PHE A 175 5.69 -33.97 2.24
N VAL A 176 6.89 -33.79 1.71
CA VAL A 176 7.67 -32.57 1.88
C VAL A 176 7.54 -31.64 0.67
N VAL A 177 7.37 -30.35 0.95
CA VAL A 177 7.26 -29.32 -0.07
C VAL A 177 8.14 -28.14 0.30
N GLY A 178 8.38 -27.29 -0.70
CA GLY A 178 9.00 -26.01 -0.47
C GLY A 178 7.90 -25.07 -0.03
N LEU A 179 8.05 -24.44 1.14
CA LEU A 179 7.00 -23.69 1.80
C LEU A 179 7.52 -22.28 2.05
N GLY A 180 6.75 -21.25 1.67
CA GLY A 180 7.24 -19.88 1.82
C GLY A 180 6.28 -18.76 1.40
N PRO A 181 6.63 -17.51 1.74
CA PRO A 181 5.72 -16.39 1.45
C PRO A 181 5.70 -16.01 -0.03
N ILE A 182 4.59 -15.39 -0.44
CA ILE A 182 4.31 -15.07 -1.84
C ILE A 182 4.70 -13.62 -2.07
N ALA A 183 5.60 -13.37 -3.02
CA ALA A 183 5.98 -11.98 -3.27
C ALA A 183 4.83 -11.20 -3.92
N PRO A 184 4.75 -9.90 -3.66
CA PRO A 184 3.77 -9.09 -4.37
C PRO A 184 4.06 -9.04 -5.85
N TRP A 185 3.00 -9.02 -6.65
CA TRP A 185 3.12 -8.93 -8.10
C TRP A 185 1.74 -8.62 -8.68
N PHE A 186 1.76 -8.17 -9.93
CA PHE A 186 0.56 -7.83 -10.69
C PHE A 186 -0.29 -6.84 -9.91
N GLU A 187 0.36 -5.92 -9.19
CA GLU A 187 -0.31 -4.90 -8.38
C GLU A 187 -1.07 -5.51 -7.19
N GLN A 188 -0.67 -6.70 -6.73
CA GLN A 188 -1.41 -7.25 -5.60
C GLN A 188 -0.40 -7.38 -4.47
N PRO A 189 -0.87 -7.36 -3.21
CA PRO A 189 0.09 -7.38 -2.10
C PRO A 189 0.74 -8.70 -1.86
N GLY A 190 0.16 -9.79 -2.33
CA GLY A 190 0.83 -11.02 -2.03
C GLY A 190 0.76 -11.36 -0.55
N MET A 191 1.82 -11.99 -0.07
CA MET A 191 2.09 -12.29 1.33
C MET A 191 1.19 -13.40 1.88
N GLY A 192 0.54 -14.17 1.01
CA GLY A 192 0.16 -15.49 1.44
C GLY A 192 1.37 -16.42 1.49
N THR A 193 1.05 -17.68 1.74
CA THR A 193 2.01 -18.76 1.68
C THR A 193 1.72 -19.67 0.49
N GLN A 194 2.77 -20.10 -0.18
CA GLN A 194 2.67 -21.07 -1.27
C GLN A 194 3.52 -22.30 -0.96
N PHE A 195 3.08 -23.43 -1.52
CA PHE A 195 3.72 -24.74 -1.45
C PHE A 195 4.15 -25.18 -2.84
N VAL A 196 5.43 -25.39 -3.04
CA VAL A 196 5.97 -25.85 -4.32
C VAL A 196 6.31 -27.33 -4.15
N THR A 197 5.59 -28.21 -4.87
CA THR A 197 5.80 -29.64 -4.72
C THR A 197 6.92 -30.12 -5.62
N TYR A 198 7.50 -31.26 -5.24
CA TYR A 198 8.54 -31.87 -6.05
C TYR A 198 8.03 -32.92 -7.02
N THR A 199 6.75 -33.27 -6.94
CA THR A 199 6.07 -34.11 -7.92
C THR A 199 4.84 -33.35 -8.36
N ASN A 200 4.44 -33.44 -9.63
CA ASN A 200 3.23 -32.70 -9.96
C ASN A 200 2.01 -33.32 -9.27
N VAL A 201 0.92 -32.54 -9.30
CA VAL A 201 -0.30 -32.94 -8.60
C VAL A 201 -0.80 -34.29 -9.08
N LEU A 202 -0.73 -34.56 -10.40
CA LEU A 202 -1.17 -35.87 -10.90
C LEU A 202 -0.38 -37.00 -10.25
N GLY A 203 0.93 -36.81 -10.10
CA GLY A 203 1.72 -37.87 -9.49
C GLY A 203 1.38 -38.01 -8.03
N LEU A 204 1.18 -36.89 -7.34
CA LEU A 204 0.84 -36.94 -5.93
C LEU A 204 -0.51 -37.61 -5.72
N ILE A 205 -1.47 -37.36 -6.60
CA ILE A 205 -2.74 -38.08 -6.50
C ILE A 205 -2.52 -39.56 -6.74
N ASP A 206 -1.75 -39.91 -7.77
CA ASP A 206 -1.64 -41.32 -8.12
C ASP A 206 -0.92 -42.12 -7.05
N ASP A 207 0.05 -41.52 -6.37
CA ASP A 207 0.80 -42.22 -5.34
C ASP A 207 0.19 -42.07 -3.96
N GLY A 208 -1.02 -41.51 -3.87
CA GLY A 208 -1.77 -41.47 -2.64
C GLY A 208 -1.40 -40.39 -1.65
N TYR A 209 -0.72 -39.32 -2.11
CA TYR A 209 -0.41 -38.20 -1.24
C TYR A 209 -1.53 -37.17 -1.15
N LEU A 210 -2.28 -36.97 -2.25
CA LEU A 210 -3.38 -36.03 -2.27
C LEU A 210 -4.63 -36.70 -2.78
N ARG A 211 -5.79 -36.22 -2.32
CA ARG A 211 -7.06 -36.58 -2.95
C ARG A 211 -7.81 -35.31 -3.36
N ARG A 212 -8.61 -35.43 -4.42
CA ARG A 212 -9.42 -34.32 -4.93
C ARG A 212 -10.69 -34.17 -4.12
N GLU A 213 -11.10 -32.93 -3.88
CA GLU A 213 -12.38 -32.64 -3.24
C GLU A 213 -13.13 -31.68 -4.14
N ASP A 214 -14.43 -31.88 -4.27
CA ASP A 214 -15.23 -30.92 -5.02
C ASP A 214 -15.90 -29.94 -4.07
N PRO A 215 -15.63 -28.63 -4.20
CA PRO A 215 -16.21 -27.61 -3.31
C PRO A 215 -17.70 -27.38 -3.53
N SER B 27 -21.98 -23.97 14.34
CA SER B 27 -22.21 -22.69 14.99
C SER B 27 -21.08 -22.36 15.97
N LEU B 28 -21.44 -21.80 17.13
CA LEU B 28 -20.46 -21.30 18.08
C LEU B 28 -19.63 -22.44 18.68
N PHE B 29 -20.28 -23.45 19.19
CA PHE B 29 -19.69 -24.65 19.73
C PHE B 29 -19.89 -25.84 18.82
N PRO B 30 -18.98 -26.81 18.83
CA PRO B 30 -19.24 -28.07 18.13
C PRO B 30 -20.46 -28.76 18.73
N ALA B 31 -21.13 -29.54 17.88
CA ALA B 31 -22.36 -30.18 18.30
C ALA B 31 -22.17 -31.09 19.50
N ARG B 32 -21.05 -31.83 19.56
CA ARG B 32 -20.91 -32.80 20.65
C ARG B 32 -20.83 -32.12 22.01
N CYS B 33 -20.58 -30.81 22.04
CA CYS B 33 -20.37 -30.11 23.29
C CYS B 33 -21.66 -29.86 24.05
N TRP B 34 -22.82 -30.04 23.40
CA TRP B 34 -24.12 -29.87 24.04
C TRP B 34 -24.46 -31.12 24.87
N PRO B 35 -25.38 -31.01 25.84
CA PRO B 35 -26.21 -29.83 26.12
C PRO B 35 -25.62 -28.79 27.07
N ASP B 36 -24.39 -28.96 27.56
CA ASP B 36 -23.81 -28.01 28.51
C ASP B 36 -22.42 -27.64 27.99
N PRO B 37 -22.34 -26.87 26.91
CA PRO B 37 -21.02 -26.54 26.37
C PRO B 37 -20.13 -25.72 27.30
N CYS B 38 -20.68 -24.96 28.25
CA CYS B 38 -19.76 -24.19 29.10
C CYS B 38 -19.34 -24.94 30.33
N ALA B 39 -19.58 -26.26 30.35
CA ALA B 39 -19.14 -27.12 31.44
C ALA B 39 -17.66 -26.87 31.71
N GLY B 40 -17.30 -26.68 32.96
CA GLY B 40 -15.91 -26.48 33.33
C GLY B 40 -15.35 -25.07 33.18
N ILE B 41 -16.11 -24.12 32.65
CA ILE B 41 -15.65 -22.74 32.47
C ILE B 41 -16.19 -21.87 33.60
N THR B 42 -15.31 -21.14 34.27
CA THR B 42 -15.75 -20.23 35.31
C THR B 42 -16.26 -18.93 34.68
N PHE B 43 -17.49 -18.58 35.03
CA PHE B 43 -18.19 -17.41 34.52
C PHE B 43 -17.69 -16.12 35.14
N GLN B 44 -17.20 -15.20 34.31
CA GLN B 44 -16.78 -13.90 34.86
C GLN B 44 -17.66 -12.76 34.40
N ASN B 45 -18.05 -12.73 33.13
CA ASN B 45 -18.61 -11.50 32.56
C ASN B 45 -19.39 -11.85 31.29
N ASP B 46 -20.69 -11.52 31.22
CA ASP B 46 -21.53 -12.09 30.16
C ASP B 46 -21.30 -11.49 28.76
N THR B 47 -20.44 -10.48 28.59
CA THR B 47 -19.99 -10.09 27.26
C THR B 47 -19.22 -11.20 26.54
N TYR B 48 -18.66 -12.19 27.25
CA TYR B 48 -17.71 -13.14 26.67
C TYR B 48 -18.32 -14.54 26.67
N VAL B 49 -17.84 -15.37 25.72
CA VAL B 49 -18.39 -16.71 25.57
C VAL B 49 -18.20 -17.53 26.83
N CYS B 50 -19.27 -18.13 27.30
CA CYS B 50 -19.27 -18.88 28.56
C CYS B 50 -18.86 -17.97 29.71
N GLY B 51 -18.82 -16.65 29.47
CA GLY B 51 -18.42 -15.70 30.49
C GLY B 51 -16.94 -15.56 30.69
N ASP B 52 -16.12 -16.16 29.83
CA ASP B 52 -14.67 -16.20 30.00
C ASP B 52 -14.02 -15.33 28.93
N PRO B 53 -13.36 -14.21 29.27
CA PRO B 53 -12.80 -13.36 28.20
C PRO B 53 -11.79 -14.09 27.35
N ARG B 54 -11.11 -15.09 27.90
CA ARG B 54 -10.17 -15.86 27.09
C ARG B 54 -10.84 -16.51 25.90
N LEU B 55 -12.15 -16.71 25.93
CA LEU B 55 -12.85 -17.43 24.87
C LEU B 55 -13.47 -16.46 23.88
N GLY B 56 -13.15 -15.16 23.98
CA GLY B 56 -13.58 -14.19 23.01
C GLY B 56 -15.00 -13.71 23.24
N PRO B 57 -15.42 -12.71 22.45
CA PRO B 57 -16.73 -12.08 22.64
C PRO B 57 -17.90 -12.90 22.11
N VAL B 58 -19.06 -12.74 22.74
CA VAL B 58 -20.26 -13.37 22.19
C VAL B 58 -20.57 -12.71 20.85
N VAL B 59 -20.50 -11.39 20.84
CA VAL B 59 -20.77 -10.53 19.69
C VAL B 59 -19.40 -10.28 19.06
N LEU B 60 -19.21 -10.68 17.89
CA LEU B 60 -17.89 -10.48 17.27
C LEU B 60 -17.80 -9.13 16.57
N PRO B 61 -16.60 -8.55 16.55
N PRO B 61 -16.60 -8.55 16.55
CA PRO B 61 -16.44 -7.19 15.98
CA PRO B 61 -16.44 -7.19 15.99
C PRO B 61 -16.91 -7.15 14.52
C PRO B 61 -16.91 -7.16 14.53
N GLN B 62 -17.86 -6.29 14.25
CA GLN B 62 -18.61 -6.41 13.01
C GLN B 62 -17.79 -6.05 11.77
N LYS B 63 -16.56 -5.58 11.93
CA LYS B 63 -15.75 -5.17 10.81
C LYS B 63 -14.61 -6.14 10.53
N PHE B 64 -14.43 -7.17 11.37
N PHE B 64 -14.39 -7.14 11.40
CA PHE B 64 -13.13 -7.78 11.18
CA PHE B 64 -13.15 -7.84 11.11
C PHE B 64 -13.19 -9.08 10.39
C PHE B 64 -13.40 -9.10 10.27
N PRO B 65 -12.17 -9.29 9.49
N PRO B 65 -12.45 -9.40 9.33
CA PRO B 65 -12.16 -10.46 8.59
CA PRO B 65 -12.71 -10.44 8.32
C PRO B 65 -11.71 -11.74 9.28
C PRO B 65 -13.11 -11.81 8.87
N LEU B 66 -12.68 -12.62 9.57
N LEU B 66 -12.20 -12.40 9.63
CA LEU B 66 -12.39 -13.91 10.19
CA LEU B 66 -12.37 -13.75 10.19
C LEU B 66 -12.13 -14.98 9.15
C LEU B 66 -12.46 -14.82 9.10
N ASN B 67 -13.16 -15.27 8.34
N ASN B 67 -13.58 -14.91 8.38
CA ASN B 67 -13.11 -16.30 7.31
CA ASN B 67 -13.78 -16.06 7.50
C ASN B 67 -12.13 -15.91 6.20
C ASN B 67 -14.11 -15.72 6.04
N ASN B 68 -11.52 -16.91 5.56
N ASN B 68 -14.62 -16.72 5.30
CA ASN B 68 -10.61 -16.47 4.50
CA ASN B 68 -15.05 -16.55 3.91
C ASN B 68 -11.28 -16.29 3.11
C ASN B 68 -15.94 -17.71 3.49
N GLU B 69 -11.56 -17.35 2.36
N GLU B 69 -16.16 -17.82 2.19
CA GLU B 69 -12.47 -17.22 1.21
CA GLU B 69 -17.13 -18.75 1.61
C GLU B 69 -13.53 -18.30 1.21
C GLU B 69 -16.60 -20.20 1.57
N LEU B 70 -13.11 -19.53 1.56
N LEU B 70 -15.29 -20.38 1.55
CA LEU B 70 -13.98 -20.70 1.54
CA LEU B 70 -14.68 -21.72 1.51
C LEU B 70 -14.05 -21.43 2.88
C LEU B 70 -14.17 -22.21 2.86
N ARG B 71 -13.26 -21.02 3.86
N ARG B 71 -13.82 -21.31 3.77
CA ARG B 71 -13.26 -21.63 5.18
CA ARG B 71 -13.36 -21.68 5.11
C ARG B 71 -13.88 -20.66 6.17
C ARG B 71 -13.92 -20.68 6.12
N THR B 72 -14.64 -21.20 7.10
CA THR B 72 -15.18 -20.39 8.18
C THR B 72 -14.33 -20.53 9.44
N TYR B 73 -14.54 -19.58 10.34
CA TYR B 73 -13.75 -19.38 11.56
C TYR B 73 -14.43 -20.21 12.64
N ALA B 74 -13.74 -21.26 13.06
CA ALA B 74 -14.10 -22.02 14.26
C ALA B 74 -13.27 -21.64 15.47
N ARG B 75 -13.92 -20.93 16.38
CA ARG B 75 -13.21 -20.28 17.47
C ARG B 75 -12.41 -21.33 18.27
N PHE B 76 -12.99 -22.52 18.49
CA PHE B 76 -12.34 -23.55 19.28
C PHE B 76 -11.87 -24.72 18.41
N GLY B 77 -11.85 -24.56 17.09
CA GLY B 77 -11.67 -25.74 16.26
C GLY B 77 -12.76 -26.76 16.51
N ALA B 78 -12.39 -28.03 16.64
CA ALA B 78 -13.34 -29.06 17.00
C ALA B 78 -13.43 -29.33 18.49
N LEU B 79 -12.75 -28.56 19.33
CA LEU B 79 -12.79 -28.84 20.77
C LEU B 79 -13.97 -28.14 21.45
N CYS B 80 -14.34 -28.65 22.63
CA CYS B 80 -15.26 -27.91 23.47
C CYS B 80 -14.45 -26.90 24.29
N PRO B 81 -15.12 -25.84 24.83
CA PRO B 81 -14.35 -24.78 25.55
C PRO B 81 -13.36 -25.28 26.60
N ALA B 82 -13.79 -26.13 27.53
CA ALA B 82 -12.89 -26.54 28.59
C ALA B 82 -11.72 -27.34 28.04
N GLU B 83 -11.98 -28.23 27.07
CA GLU B 83 -10.90 -28.96 26.42
C GLU B 83 -9.94 -28.01 25.72
N PHE B 84 -10.49 -26.96 25.11
CA PHE B 84 -9.66 -26.00 24.40
C PHE B 84 -8.71 -25.30 25.36
N LEU B 85 -9.21 -24.83 26.50
CA LEU B 85 -8.33 -24.17 27.46
C LEU B 85 -7.34 -25.15 28.07
N ASP B 86 -7.77 -26.39 28.34
CA ASP B 86 -6.82 -27.38 28.86
C ASP B 86 -5.65 -27.59 27.91
N LYS B 87 -5.94 -27.61 26.61
CA LYS B 87 -4.90 -27.85 25.62
C LYS B 87 -4.03 -26.63 25.39
N TRP B 88 -4.63 -25.45 25.30
CA TRP B 88 -3.92 -24.27 24.83
C TRP B 88 -3.54 -23.29 25.91
N ALA B 89 -3.93 -23.50 27.15
CA ALA B 89 -3.62 -22.56 28.20
C ALA B 89 -3.03 -23.32 29.37
N THR B 90 -2.42 -22.57 30.30
CA THR B 90 -1.74 -23.20 31.43
C THR B 90 -2.74 -23.76 32.42
N ASP B 91 -3.96 -23.25 32.41
CA ASP B 91 -5.01 -23.64 33.33
C ASP B 91 -6.36 -23.28 32.73
N VAL B 92 -7.34 -24.15 32.98
CA VAL B 92 -8.73 -23.86 32.65
C VAL B 92 -9.29 -22.79 33.61
N ALA B 93 -8.80 -22.76 34.87
CA ALA B 93 -9.18 -21.69 35.78
C ALA B 93 -8.92 -20.32 35.18
N PRO B 94 -9.53 -19.24 35.70
CA PRO B 94 -9.38 -17.93 35.02
C PRO B 94 -8.00 -17.32 35.00
N ASN B 95 -7.10 -17.78 35.86
CA ASN B 95 -5.69 -17.36 35.85
C ASN B 95 -4.84 -18.07 34.81
N GLY B 96 -5.41 -19.01 34.05
CA GLY B 96 -4.62 -19.70 33.06
C GLY B 96 -4.33 -18.75 31.91
N THR B 97 -3.10 -18.82 31.40
CA THR B 97 -2.68 -17.99 30.30
C THR B 97 -2.38 -18.87 29.09
N TYR B 98 -2.60 -18.30 27.91
CA TYR B 98 -2.35 -19.03 26.68
C TYR B 98 -0.89 -19.35 26.49
N ILE B 99 -0.62 -20.54 25.96
CA ILE B 99 0.71 -20.97 25.65
C ILE B 99 0.93 -20.72 24.17
N TYR B 100 2.03 -20.08 23.81
CA TYR B 100 2.33 -19.70 22.44
C TYR B 100 3.37 -20.63 21.83
N PRO B 101 3.41 -20.69 20.49
CA PRO B 101 4.30 -21.60 19.81
C PRO B 101 5.76 -21.20 19.94
N PRO B 102 6.67 -22.16 19.78
CA PRO B 102 8.11 -21.85 19.81
C PRO B 102 8.53 -21.11 18.57
N ALA B 103 9.76 -20.59 18.63
CA ALA B 103 10.41 -19.96 17.47
C ALA B 103 9.54 -18.85 16.91
N ASN B 104 8.90 -18.10 17.80
CA ASN B 104 8.11 -16.93 17.46
C ASN B 104 6.95 -17.28 16.55
N GLY B 105 6.52 -18.55 16.54
CA GLY B 105 5.36 -18.91 15.76
C GLY B 105 5.58 -19.01 14.27
N PHE B 106 6.83 -18.94 13.81
CA PHE B 106 7.15 -19.22 12.41
C PHE B 106 6.96 -20.71 12.09
N ALA B 107 6.40 -21.01 10.91
CA ALA B 107 6.41 -22.40 10.43
C ALA B 107 7.81 -22.99 10.47
N LEU B 108 7.90 -24.25 10.93
CA LEU B 108 9.18 -24.92 11.06
C LEU B 108 9.46 -25.84 9.87
N ASP B 109 10.71 -25.90 9.45
CA ASP B 109 11.12 -26.77 8.34
C ASP B 109 11.33 -28.20 8.84
N THR B 110 11.88 -29.08 7.98
CA THR B 110 12.04 -30.48 8.34
C THR B 110 13.13 -30.69 9.38
N GLU B 111 13.94 -29.67 9.64
CA GLU B 111 14.93 -29.72 10.70
C GLU B 111 14.48 -28.96 11.95
N GLU B 112 13.19 -28.67 12.07
CA GLU B 112 12.61 -27.96 13.22
C GLU B 112 13.10 -26.53 13.35
N GLN B 113 13.63 -25.93 12.28
CA GLN B 113 14.06 -24.53 12.26
C GLN B 113 12.98 -23.63 11.67
N PRO B 114 12.81 -22.42 12.21
CA PRO B 114 11.79 -21.52 11.66
C PRO B 114 12.15 -21.10 10.25
N ILE B 115 11.12 -20.98 9.40
CA ILE B 115 11.27 -20.53 8.02
C ILE B 115 11.06 -19.02 7.96
N LEU B 116 12.09 -18.29 7.54
CA LEU B 116 11.99 -16.83 7.48
C LEU B 116 13.28 -16.28 6.92
N GLY B 117 13.21 -15.02 6.52
CA GLY B 117 14.43 -14.30 6.19
C GLY B 117 14.19 -12.83 6.46
N ASN B 118 15.29 -12.08 6.47
CA ASN B 118 15.24 -10.64 6.59
C ASN B 118 14.86 -10.03 5.27
N ALA B 119 13.85 -9.17 5.28
CA ALA B 119 13.34 -8.52 4.09
C ALA B 119 13.08 -7.06 4.38
N THR B 120 13.18 -6.26 3.33
CA THR B 120 12.95 -4.82 3.42
C THR B 120 11.50 -4.53 3.11
N LEU B 121 10.76 -3.94 4.06
CA LEU B 121 9.40 -3.54 3.75
C LEU B 121 9.42 -2.19 3.01
N PRO B 122 8.66 -2.05 1.92
CA PRO B 122 8.68 -0.83 1.11
C PRO B 122 7.70 0.26 1.54
N VAL B 123 8.10 1.50 1.24
CA VAL B 123 7.22 2.64 1.44
C VAL B 123 5.88 2.38 0.79
N GLY B 124 4.81 2.66 1.52
CA GLY B 124 3.46 2.44 1.04
C GLY B 124 2.79 1.18 1.54
N MET B 125 3.56 0.20 2.02
CA MET B 125 2.94 -1.03 2.48
C MET B 125 2.06 -0.77 3.70
N LYS B 126 0.89 -1.42 3.70
CA LYS B 126 -0.11 -1.30 4.76
C LYS B 126 0.01 -2.50 5.70
N LEU B 127 0.10 -2.21 7.01
CA LEU B 127 0.34 -3.21 8.03
C LEU B 127 -0.68 -3.05 9.14
N ASP B 128 -0.94 -4.13 9.88
CA ASP B 128 -1.76 -4.02 11.08
C ASP B 128 -1.14 -4.94 12.12
N ARG B 129 -1.74 -4.96 13.31
CA ARG B 129 -1.13 -5.63 14.45
C ARG B 129 -2.17 -5.71 15.57
N PHE B 130 -2.16 -6.84 16.27
CA PHE B 130 -2.92 -7.09 17.50
C PHE B 130 -1.97 -7.07 18.67
N GLY B 131 -1.98 -5.99 19.41
CA GLY B 131 -1.11 -5.94 20.57
C GLY B 131 -0.68 -4.52 20.79
N SER B 132 0.03 -4.32 21.89
CA SER B 132 0.43 -2.98 22.21
C SER B 132 1.64 -2.63 21.36
N GLU B 133 1.96 -1.35 21.30
CA GLU B 133 3.02 -0.89 20.42
C GLU B 133 4.38 -1.11 21.08
N TYR B 134 4.39 -1.72 22.27
CA TYR B 134 5.60 -2.24 22.88
C TYR B 134 6.05 -3.56 22.26
N GLY B 135 5.22 -4.13 21.38
CA GLY B 135 5.41 -5.37 20.68
C GLY B 135 6.34 -5.26 19.46
N THR B 136 6.59 -6.43 18.83
CA THR B 136 7.49 -6.53 17.69
C THR B 136 6.90 -7.30 16.51
N PHE B 137 5.64 -7.69 16.57
CA PHE B 137 5.03 -8.49 15.50
C PHE B 137 4.00 -7.71 14.71
N LEU B 138 4.08 -7.76 13.38
CA LEU B 138 3.11 -7.06 12.54
C LEU B 138 2.66 -8.00 11.45
N ALA B 139 1.60 -7.59 10.76
CA ALA B 139 1.05 -8.42 9.71
C ALA B 139 0.56 -7.59 8.55
N PRO B 140 0.32 -8.18 7.38
CA PRO B 140 -0.22 -7.38 6.26
C PRO B 140 -1.64 -6.94 6.62
N LEU B 141 -1.92 -5.66 6.38
CA LEU B 141 -3.23 -5.12 6.71
C LEU B 141 -4.36 -6.03 6.22
N GLY B 142 -5.25 -6.41 7.11
CA GLY B 142 -6.39 -7.14 6.60
C GLY B 142 -6.25 -8.65 6.48
N ALA B 143 -5.09 -9.23 6.79
CA ALA B 143 -4.98 -10.69 6.71
C ALA B 143 -6.12 -11.33 7.51
N PRO B 144 -6.75 -12.36 6.96
CA PRO B 144 -7.86 -12.99 7.69
C PRO B 144 -7.38 -13.51 9.05
N TYR B 145 -8.28 -13.41 10.03
CA TYR B 145 -7.93 -13.83 11.38
C TYR B 145 -7.49 -15.28 11.46
N ILE B 146 -8.09 -16.15 10.65
CA ILE B 146 -7.81 -17.57 10.77
C ILE B 146 -6.40 -17.96 10.34
N GLU B 147 -5.74 -17.13 9.55
CA GLU B 147 -4.35 -17.24 9.11
C GLU B 147 -3.31 -16.81 10.13
N ARG B 148 -3.70 -16.12 11.19
CA ARG B 148 -2.75 -15.54 12.12
C ARG B 148 -2.42 -16.41 13.32
N SER B 149 -3.12 -17.51 13.53
CA SER B 149 -2.93 -18.36 14.69
C SER B 149 -2.86 -17.56 16.00
N LEU B 150 -3.85 -16.69 16.22
CA LEU B 150 -4.01 -15.92 17.46
C LEU B 150 -5.19 -16.51 18.23
N PRO B 151 -5.16 -16.52 19.56
CA PRO B 151 -6.32 -17.07 20.33
C PRO B 151 -7.57 -16.20 20.22
N PRO B 152 -8.73 -16.72 20.63
CA PRO B 152 -10.00 -15.96 20.51
C PRO B 152 -10.06 -14.63 21.26
N SER B 153 -9.35 -14.47 22.37
CA SER B 153 -9.54 -13.23 23.11
C SER B 153 -9.01 -12.00 22.40
N ASN B 154 -8.23 -12.15 21.32
CA ASN B 154 -7.82 -10.97 20.59
C ASN B 154 -8.98 -10.37 19.85
N LEU B 155 -10.09 -11.10 19.76
CA LEU B 155 -11.32 -10.61 19.17
C LEU B 155 -12.16 -9.75 20.09
N ASN B 156 -11.76 -9.51 21.35
CA ASN B 156 -12.61 -8.76 22.27
C ASN B 156 -12.57 -7.32 21.78
N THR B 157 -13.77 -6.76 21.69
CA THR B 157 -14.13 -5.44 21.19
C THR B 157 -14.96 -4.58 22.13
N PHE B 158 -14.58 -3.31 22.28
CA PHE B 158 -15.44 -2.44 23.09
C PHE B 158 -16.35 -1.57 22.24
N ASP B 159 -15.96 -1.15 21.05
CA ASP B 159 -16.90 -0.45 20.19
C ASP B 159 -17.73 -1.40 19.32
N GLY B 160 -17.48 -2.72 19.37
CA GLY B 160 -18.21 -3.67 18.57
C GLY B 160 -17.81 -3.71 17.11
N MET B 161 -17.17 -2.64 16.64
CA MET B 161 -16.65 -2.55 15.28
C MET B 161 -15.31 -3.26 15.06
N TYR B 162 -14.29 -2.94 15.87
CA TYR B 162 -12.96 -3.54 15.70
C TYR B 162 -12.38 -4.05 17.01
N PRO B 163 -11.53 -5.07 16.95
CA PRO B 163 -10.88 -5.57 18.17
C PRO B 163 -10.17 -4.45 18.93
N TYR B 164 -10.31 -4.48 20.25
CA TYR B 164 -9.70 -3.51 21.17
C TYR B 164 -8.20 -3.30 21.02
N ASN B 165 -7.41 -4.37 20.91
CA ASN B 165 -5.98 -4.23 20.69
C ASN B 165 -5.51 -4.10 19.23
N TYR B 166 -6.39 -3.72 18.29
CA TYR B 166 -6.10 -3.72 16.86
C TYR B 166 -5.58 -2.36 16.39
N HIS B 167 -4.42 -2.35 15.71
CA HIS B 167 -3.76 -1.14 15.21
C HIS B 167 -3.44 -1.27 13.73
N VAL B 168 -3.59 -0.19 12.97
CA VAL B 168 -3.22 -0.15 11.55
C VAL B 168 -2.13 0.89 11.30
N TYR B 169 -1.17 0.55 10.44
CA TYR B 169 -0.01 1.38 10.15
C TYR B 169 0.29 1.38 8.67
N GLN B 170 1.05 2.38 8.23
CA GLN B 170 1.55 2.42 6.86
C GLN B 170 3.05 2.70 6.87
N VAL B 171 3.80 1.94 6.09
CA VAL B 171 5.24 2.16 6.03
C VAL B 171 5.52 3.48 5.33
N THR B 172 6.22 4.38 6.02
CA THR B 172 6.61 5.70 5.50
C THR B 172 8.09 5.79 5.19
N LYS B 173 8.90 4.84 5.68
CA LYS B 173 10.32 4.73 5.41
C LYS B 173 10.72 3.26 5.50
N GLU B 174 11.58 2.83 4.59
CA GLU B 174 11.99 1.42 4.50
C GLU B 174 12.68 0.94 5.77
N PHE B 175 12.41 -0.31 6.15
CA PHE B 175 13.15 -0.94 7.25
C PHE B 175 13.07 -2.45 7.09
N VAL B 176 14.02 -3.14 7.73
CA VAL B 176 14.18 -4.58 7.60
C VAL B 176 13.49 -5.31 8.73
N VAL B 177 12.73 -6.35 8.38
CA VAL B 177 12.09 -7.20 9.37
C VAL B 177 12.42 -8.67 9.06
N GLY B 178 12.13 -9.53 10.04
CA GLY B 178 12.10 -10.96 9.76
C GLY B 178 10.73 -11.27 9.21
N LEU B 179 10.67 -12.04 8.13
CA LEU B 179 9.46 -12.20 7.33
C LEU B 179 9.35 -13.68 7.07
N GLY B 180 8.19 -14.25 7.44
CA GLY B 180 7.97 -15.66 7.20
C GLY B 180 6.57 -16.17 7.52
N PRO B 181 6.31 -17.43 7.15
CA PRO B 181 4.97 -18.01 7.36
C PRO B 181 4.70 -18.32 8.84
N ILE B 182 3.41 -18.39 9.14
CA ILE B 182 2.89 -18.50 10.50
C ILE B 182 2.49 -19.96 10.74
N ALA B 183 3.02 -20.57 11.79
CA ALA B 183 2.66 -21.96 12.03
C ALA B 183 1.22 -22.07 12.52
N PRO B 184 0.53 -23.18 12.20
CA PRO B 184 -0.76 -23.46 12.83
C PRO B 184 -0.59 -23.54 14.35
N TRP B 185 -1.50 -22.88 15.06
CA TRP B 185 -1.60 -23.00 16.51
C TRP B 185 -3.02 -22.67 16.93
N PHE B 186 -3.35 -23.02 18.18
CA PHE B 186 -4.64 -22.67 18.79
C PHE B 186 -5.78 -23.22 17.91
N GLU B 187 -5.59 -24.38 17.25
CA GLU B 187 -6.59 -25.00 16.39
C GLU B 187 -6.87 -24.18 15.14
N GLN B 188 -5.98 -23.28 14.73
CA GLN B 188 -6.24 -22.52 13.51
C GLN B 188 -5.17 -22.91 12.50
N PRO B 189 -5.44 -22.69 11.21
CA PRO B 189 -4.51 -23.23 10.20
C PRO B 189 -3.26 -22.42 10.00
N GLY B 190 -3.23 -21.18 10.45
CA GLY B 190 -2.04 -20.38 10.19
C GLY B 190 -1.85 -20.09 8.70
N MET B 191 -0.58 -19.96 8.32
CA MET B 191 -0.10 -19.86 6.94
C MET B 191 -0.38 -18.49 6.34
N GLY B 192 -0.66 -17.49 7.17
CA GLY B 192 -0.35 -16.13 6.82
C GLY B 192 1.14 -15.86 6.92
N THR B 193 1.52 -14.63 6.59
CA THR B 193 2.87 -14.13 6.77
C THR B 193 2.91 -13.17 7.95
N GLN B 194 3.97 -13.26 8.78
CA GLN B 194 4.24 -12.32 9.87
C GLN B 194 5.58 -11.61 9.68
N PHE B 195 5.65 -10.38 10.19
CA PHE B 195 6.84 -9.55 10.22
C PHE B 195 7.28 -9.30 11.67
N VAL B 196 8.50 -9.66 12.01
CA VAL B 196 9.07 -9.46 13.33
C VAL B 196 10.11 -8.33 13.28
N THR B 197 9.81 -7.22 13.96
CA THR B 197 10.66 -6.03 13.93
C THR B 197 11.79 -6.18 14.95
N TYR B 198 12.94 -5.51 14.67
CA TYR B 198 14.05 -5.59 15.62
C TYR B 198 14.08 -4.53 16.74
N THR B 199 13.21 -3.54 16.66
CA THR B 199 12.92 -2.52 17.66
C THR B 199 11.42 -2.57 17.83
N ASN B 200 10.89 -2.25 19.00
CA ASN B 200 9.44 -2.33 19.10
C ASN B 200 8.78 -1.32 18.17
N VAL B 201 7.49 -1.59 17.87
CA VAL B 201 6.66 -0.77 16.97
C VAL B 201 6.70 0.72 17.34
N LEU B 202 6.70 1.03 18.64
CA LEU B 202 6.69 2.43 19.07
C LEU B 202 7.89 3.19 18.52
N GLY B 203 9.06 2.53 18.47
CA GLY B 203 10.24 3.25 18.04
C GLY B 203 10.26 3.42 16.54
N LEU B 204 9.66 2.47 15.81
CA LEU B 204 9.45 2.64 14.38
C LEU B 204 8.52 3.82 14.08
N ILE B 205 7.47 4.00 14.90
CA ILE B 205 6.57 5.14 14.69
C ILE B 205 7.28 6.45 14.98
N ASP B 206 7.95 6.54 16.14
CA ASP B 206 8.64 7.78 16.52
C ASP B 206 9.68 8.24 15.49
N ASP B 207 10.35 7.31 14.82
CA ASP B 207 11.43 7.61 13.88
C ASP B 207 10.94 7.75 12.44
N GLY B 208 9.64 7.73 12.20
CA GLY B 208 9.16 7.98 10.86
C GLY B 208 9.16 6.76 9.96
N TYR B 209 9.19 5.56 10.51
CA TYR B 209 9.16 4.37 9.66
C TYR B 209 7.74 3.89 9.46
N LEU B 210 6.88 4.16 10.42
CA LEU B 210 5.47 3.82 10.34
C LEU B 210 4.65 5.05 10.67
N ARG B 211 3.43 5.04 10.18
CA ARG B 211 2.50 6.09 10.54
C ARG B 211 1.19 5.40 10.90
N ARG B 212 0.51 5.95 11.90
CA ARG B 212 -0.74 5.40 12.37
C ARG B 212 -1.89 5.78 11.45
N GLU B 213 -2.79 4.83 11.21
CA GLU B 213 -3.98 5.05 10.39
C GLU B 213 -5.25 4.69 11.16
N ASP B 214 -6.32 5.42 10.88
CA ASP B 214 -7.63 5.10 11.42
C ASP B 214 -8.36 4.15 10.48
N PRO B 215 -8.70 2.93 10.92
CA PRO B 215 -9.49 2.01 10.09
C PRO B 215 -10.99 2.35 10.07
N SER C 27 10.92 24.03 -21.36
CA SER C 27 10.21 23.50 -22.51
C SER C 27 8.88 22.84 -22.10
N LEU C 28 8.86 22.12 -20.96
CA LEU C 28 7.64 21.39 -20.59
C LEU C 28 6.59 22.30 -19.96
N PHE C 29 7.00 23.43 -19.41
CA PHE C 29 6.13 24.28 -18.61
C PHE C 29 6.37 25.73 -19.01
N PRO C 30 5.37 26.58 -18.85
CA PRO C 30 5.63 28.03 -18.86
C PRO C 30 6.72 28.43 -17.89
N ALA C 31 7.44 29.49 -18.28
CA ALA C 31 8.63 29.95 -17.58
C ALA C 31 8.32 30.39 -16.15
N ARG C 32 7.12 30.91 -15.94
CA ARG C 32 6.66 31.43 -14.64
C ARG C 32 6.73 30.42 -13.49
N CYS C 33 6.71 29.12 -13.77
CA CYS C 33 6.60 28.08 -12.74
C CYS C 33 7.86 27.32 -12.41
N TRP C 34 8.90 27.40 -13.22
CA TRP C 34 10.15 26.70 -12.94
C TRP C 34 10.66 26.57 -11.50
N PRO C 35 10.47 27.52 -10.49
CA PRO C 35 10.88 27.09 -9.15
C PRO C 35 10.17 25.80 -8.73
N ASP C 36 8.85 25.74 -8.58
CA ASP C 36 8.19 24.48 -8.19
C ASP C 36 7.11 24.15 -9.21
N PRO C 37 7.46 23.75 -10.43
CA PRO C 37 6.38 23.54 -11.42
C PRO C 37 5.47 22.36 -11.10
N CYS C 38 5.93 21.37 -10.35
CA CYS C 38 5.10 20.21 -10.03
C CYS C 38 4.42 20.36 -8.67
N ALA C 39 4.47 21.56 -8.08
CA ALA C 39 3.85 21.78 -6.78
C ALA C 39 2.40 21.36 -6.77
N GLY C 40 2.02 20.60 -5.75
CA GLY C 40 0.67 20.12 -5.66
C GLY C 40 0.35 18.87 -6.45
N ILE C 41 1.28 18.34 -7.26
CA ILE C 41 1.00 17.16 -8.08
C ILE C 41 1.62 15.94 -7.43
N THR C 42 0.81 14.89 -7.25
CA THR C 42 1.29 13.64 -6.69
C THR C 42 2.05 12.82 -7.73
N PHE C 43 3.30 12.50 -7.44
CA PHE C 43 4.15 11.81 -8.38
C PHE C 43 3.76 10.33 -8.41
N GLN C 44 3.63 9.75 -9.59
CA GLN C 44 3.33 8.33 -9.71
C GLN C 44 4.35 7.58 -10.55
N ASN C 45 4.66 8.07 -11.76
CA ASN C 45 5.61 7.36 -12.62
C ASN C 45 6.34 8.38 -13.47
N ASP C 46 7.68 8.29 -13.54
CA ASP C 46 8.45 9.35 -14.21
C ASP C 46 8.28 9.39 -15.73
N THR C 47 7.56 8.45 -16.36
CA THR C 47 7.27 8.58 -17.80
C THR C 47 6.42 9.82 -18.06
N TYR C 48 5.63 10.25 -17.08
CA TYR C 48 4.65 11.29 -17.29
C TYR C 48 5.16 12.60 -16.68
N VAL C 49 4.59 13.70 -17.16
CA VAL C 49 4.94 15.03 -16.67
C VAL C 49 4.55 15.13 -15.20
N CYS C 50 5.51 15.53 -14.35
CA CYS C 50 5.30 15.60 -12.92
C CYS C 50 4.87 14.26 -12.33
N GLY C 51 5.07 13.17 -13.06
CA GLY C 51 4.72 11.87 -12.54
C GLY C 51 3.25 11.53 -12.59
N ASP C 52 2.47 12.31 -13.32
CA ASP C 52 1.01 12.23 -13.26
C ASP C 52 0.51 11.90 -14.64
N PRO C 53 -0.03 10.71 -14.87
CA PRO C 53 -0.40 10.32 -16.22
C PRO C 53 -1.42 11.23 -16.85
N ARG C 54 -2.28 11.88 -16.04
CA ARG C 54 -3.24 12.79 -16.63
C ARG C 54 -2.58 13.97 -17.34
N LEU C 55 -1.32 14.26 -17.05
CA LEU C 55 -0.61 15.38 -17.66
C LEU C 55 0.15 15.01 -18.93
N GLY C 56 0.05 13.77 -19.39
CA GLY C 56 0.66 13.36 -20.64
C GLY C 56 2.12 12.99 -20.46
N PRO C 57 2.80 12.65 -21.56
CA PRO C 57 4.14 12.07 -21.47
C PRO C 57 5.23 13.13 -21.47
N VAL C 58 6.35 12.81 -20.81
CA VAL C 58 7.52 13.66 -20.90
C VAL C 58 8.05 13.72 -22.33
N VAL C 59 8.17 12.56 -22.97
CA VAL C 59 8.62 12.47 -24.36
C VAL C 59 7.40 12.23 -25.24
N LEU C 60 7.06 13.22 -26.06
CA LEU C 60 5.86 13.14 -26.89
C LEU C 60 6.07 12.10 -28.00
N PRO C 61 5.01 11.43 -28.44
CA PRO C 61 5.18 10.37 -29.46
C PRO C 61 5.67 10.95 -30.79
N GLN C 62 6.72 10.33 -31.33
CA GLN C 62 7.48 10.90 -32.45
C GLN C 62 6.66 11.10 -33.71
N LYS C 63 5.59 10.33 -33.90
CA LYS C 63 4.89 10.34 -35.17
C LYS C 63 3.70 11.29 -35.20
N PHE C 64 3.50 12.07 -34.14
CA PHE C 64 2.64 13.25 -34.23
C PHE C 64 3.49 14.52 -34.22
N PRO C 65 3.62 15.23 -35.35
CA PRO C 65 4.43 16.46 -35.35
C PRO C 65 3.86 17.59 -34.50
N LEU C 66 2.53 17.75 -34.48
CA LEU C 66 1.75 18.65 -33.63
C LEU C 66 1.98 20.13 -33.93
N ASN C 67 3.04 20.45 -34.66
CA ASN C 67 3.54 21.82 -34.73
C ASN C 67 3.79 22.23 -36.17
N ASN C 68 3.76 23.53 -36.40
CA ASN C 68 4.23 24.09 -37.65
C ASN C 68 4.79 25.48 -37.39
N GLU C 69 5.27 26.13 -38.45
CA GLU C 69 5.98 27.39 -38.28
C GLU C 69 5.09 28.52 -37.80
N LEU C 70 3.76 28.31 -37.75
CA LEU C 70 2.83 29.36 -37.36
C LEU C 70 2.12 29.10 -36.04
N ARG C 71 2.10 27.85 -35.56
CA ARG C 71 1.43 27.50 -34.32
C ARG C 71 2.14 26.29 -33.72
N THR C 72 2.30 26.31 -32.40
CA THR C 72 2.99 25.26 -31.67
C THR C 72 2.13 24.79 -30.51
N TYR C 73 2.02 23.48 -30.38
CA TYR C 73 1.22 22.86 -29.33
C TYR C 73 1.77 23.20 -27.95
N ALA C 74 0.92 23.74 -27.09
CA ALA C 74 1.24 24.09 -25.71
C ALA C 74 0.45 23.15 -24.80
N ARG C 75 1.14 22.21 -24.14
CA ARG C 75 0.46 21.11 -23.45
C ARG C 75 -0.54 21.60 -22.42
N PHE C 76 -0.22 22.69 -21.72
CA PHE C 76 -1.07 23.29 -20.70
C PHE C 76 -1.51 24.69 -21.07
N GLY C 77 -1.34 25.10 -22.32
CA GLY C 77 -1.57 26.49 -22.67
C GLY C 77 -0.55 27.34 -21.94
N ALA C 78 -1.00 28.43 -21.33
CA ALA C 78 -0.11 29.25 -20.54
C ALA C 78 -0.12 28.88 -19.06
N LEU C 79 -0.77 27.79 -18.69
CA LEU C 79 -0.99 27.46 -17.30
C LEU C 79 0.06 26.47 -16.82
N CYS C 80 0.36 26.52 -15.54
CA CYS C 80 1.18 25.50 -14.90
C CYS C 80 0.33 24.28 -14.52
N PRO C 81 0.98 23.15 -14.21
CA PRO C 81 0.21 21.90 -14.01
C PRO C 81 -0.91 21.93 -12.98
N ALA C 82 -0.65 22.38 -11.75
CA ALA C 82 -1.72 22.41 -10.76
C ALA C 82 -2.84 23.38 -11.15
N GLU C 83 -2.49 24.56 -11.68
CA GLU C 83 -3.53 25.45 -12.19
C GLU C 83 -4.35 24.78 -13.26
N PHE C 84 -3.68 24.06 -14.15
CA PHE C 84 -4.36 23.43 -15.26
C PHE C 84 -5.33 22.38 -14.74
N LEU C 85 -4.90 21.56 -13.77
CA LEU C 85 -5.81 20.53 -13.26
C LEU C 85 -6.93 21.12 -12.43
N ASP C 86 -6.68 22.23 -11.70
CA ASP C 86 -7.77 22.84 -10.94
C ASP C 86 -8.83 23.41 -11.86
N LYS C 87 -8.42 23.89 -13.04
CA LYS C 87 -9.35 24.46 -13.99
C LYS C 87 -10.10 23.40 -14.78
N TRP C 88 -9.39 22.38 -15.27
CA TRP C 88 -9.96 21.44 -16.22
C TRP C 88 -10.31 20.08 -15.65
N ALA C 89 -10.07 19.83 -14.35
CA ALA C 89 -10.40 18.53 -13.77
C ALA C 89 -11.12 18.69 -12.43
N THR C 90 -11.77 17.59 -12.02
CA THR C 90 -12.53 17.56 -10.77
C THR C 90 -11.64 17.62 -9.54
N ASP C 91 -10.34 17.33 -9.68
CA ASP C 91 -9.42 17.36 -8.55
C ASP C 91 -7.99 17.44 -9.03
N VAL C 92 -7.16 18.13 -8.26
CA VAL C 92 -5.73 18.13 -8.51
C VAL C 92 -5.13 16.80 -8.09
N ALA C 93 -5.72 16.15 -7.08
CA ALA C 93 -5.18 14.87 -6.63
C ALA C 93 -5.38 13.83 -7.73
N PRO C 94 -4.67 12.69 -7.66
CA PRO C 94 -4.70 11.73 -8.79
C PRO C 94 -6.05 11.10 -9.14
N ASN C 95 -7.07 11.14 -8.29
CA ASN C 95 -8.40 10.61 -8.59
C ASN C 95 -9.25 11.55 -9.42
N GLY C 96 -8.74 12.74 -9.73
CA GLY C 96 -9.51 13.73 -10.46
C GLY C 96 -9.64 13.40 -11.93
N THR C 97 -10.82 13.68 -12.46
CA THR C 97 -11.14 13.47 -13.86
C THR C 97 -11.47 14.77 -14.57
N TYR C 98 -11.08 14.79 -15.85
CA TYR C 98 -11.26 15.96 -16.70
C TYR C 98 -12.74 16.30 -16.89
N ILE C 99 -13.04 17.58 -16.92
CA ILE C 99 -14.37 18.12 -17.21
C ILE C 99 -14.39 18.44 -18.70
N TYR C 100 -15.32 17.83 -19.41
CA TYR C 100 -15.36 17.93 -20.86
C TYR C 100 -16.37 18.99 -21.28
N PRO C 101 -16.29 19.51 -22.50
CA PRO C 101 -17.18 20.61 -22.89
C PRO C 101 -18.63 20.19 -23.06
N PRO C 102 -19.55 21.15 -22.99
CA PRO C 102 -20.97 20.87 -23.18
C PRO C 102 -21.27 20.64 -24.66
N ALA C 103 -22.46 20.08 -24.91
CA ALA C 103 -22.95 19.83 -26.25
C ALA C 103 -21.91 19.10 -27.08
N ASN C 104 -21.29 18.09 -26.46
CA ASN C 104 -20.34 17.18 -27.10
C ASN C 104 -19.15 17.89 -27.73
N GLY C 105 -18.89 19.12 -27.32
CA GLY C 105 -17.69 19.82 -27.75
C GLY C 105 -17.86 20.58 -29.03
N PHE C 106 -19.05 20.59 -29.61
CA PHE C 106 -19.29 21.42 -30.78
C PHE C 106 -19.20 22.88 -30.41
N ALA C 107 -18.64 23.66 -31.33
CA ALA C 107 -18.68 25.10 -31.26
C ALA C 107 -20.12 25.59 -31.13
N LEU C 108 -20.34 26.57 -30.25
CA LEU C 108 -21.66 27.12 -29.99
C LEU C 108 -21.88 28.42 -30.76
N ASP C 109 -23.09 28.62 -31.26
CA ASP C 109 -23.46 29.83 -31.99
C ASP C 109 -23.87 30.94 -31.01
N THR C 110 -24.33 32.06 -31.55
CA THR C 110 -24.68 33.22 -30.72
C THR C 110 -25.87 32.91 -29.83
N GLU C 111 -26.66 31.90 -30.18
CA GLU C 111 -27.75 31.45 -29.35
C GLU C 111 -27.32 30.34 -28.39
N GLU C 112 -26.01 30.08 -28.30
CA GLU C 112 -25.45 29.11 -27.37
C GLU C 112 -25.92 27.69 -27.69
N GLN C 113 -26.23 27.43 -28.95
CA GLN C 113 -26.57 26.14 -29.55
C GLN C 113 -25.40 25.56 -30.34
N PRO C 114 -25.14 24.26 -30.24
CA PRO C 114 -24.03 23.66 -31.01
C PRO C 114 -24.23 23.81 -32.50
N ILE C 115 -23.12 24.07 -33.20
CA ILE C 115 -23.10 24.17 -34.66
C ILE C 115 -22.83 22.77 -35.20
N LEU C 116 -23.83 22.15 -35.83
CA LEU C 116 -23.63 20.84 -36.42
C LEU C 116 -24.74 20.53 -37.41
N GLY C 117 -24.47 19.55 -38.26
CA GLY C 117 -25.49 19.08 -39.17
C GLY C 117 -25.31 17.59 -39.39
N ASN C 118 -26.35 16.93 -39.88
CA ASN C 118 -26.21 15.51 -40.15
C ASN C 118 -25.74 15.41 -41.58
N ALA C 119 -24.72 14.60 -41.81
CA ALA C 119 -24.17 14.46 -43.14
C ALA C 119 -23.72 13.03 -43.38
N THR C 120 -23.71 12.67 -44.65
CA THR C 120 -23.28 11.35 -45.07
C THR C 120 -21.76 11.30 -45.24
N LEU C 121 -21.13 10.34 -44.58
CA LEU C 121 -19.71 10.24 -44.86
C LEU C 121 -19.55 9.30 -46.06
N PRO C 122 -18.71 9.64 -47.04
CA PRO C 122 -18.60 8.82 -48.25
C PRO C 122 -17.62 7.66 -48.11
N VAL C 123 -17.91 6.59 -48.85
CA VAL C 123 -16.99 5.47 -48.93
C VAL C 123 -15.60 5.95 -49.31
N GLY C 124 -14.58 5.39 -48.65
CA GLY C 124 -13.19 5.74 -48.89
C GLY C 124 -12.61 6.78 -47.96
N MET C 125 -13.44 7.56 -47.28
CA MET C 125 -12.94 8.62 -46.42
C MET C 125 -12.16 8.05 -45.25
N LYS C 126 -11.07 8.71 -44.89
CA LYS C 126 -10.14 8.22 -43.88
C LYS C 126 -10.35 8.97 -42.57
N LEU C 127 -10.61 8.24 -41.50
CA LEU C 127 -10.90 8.81 -40.20
C LEU C 127 -9.89 8.27 -39.20
N ASP C 128 -9.72 8.97 -38.06
CA ASP C 128 -9.01 8.41 -36.92
C ASP C 128 -9.76 8.79 -35.66
N ARG C 129 -9.30 8.27 -34.52
CA ARG C 129 -9.97 8.43 -33.24
C ARG C 129 -8.97 8.24 -32.10
N PHE C 130 -9.09 9.08 -31.07
CA PHE C 130 -8.45 8.83 -29.77
C PHE C 130 -9.50 8.23 -28.83
N GLY C 131 -9.28 6.99 -28.41
CA GLY C 131 -10.17 6.37 -27.46
C GLY C 131 -10.61 5.00 -27.92
N SER C 132 -11.21 4.27 -26.98
CA SER C 132 -11.66 2.92 -27.27
C SER C 132 -12.82 2.96 -28.27
N GLU C 133 -13.11 1.78 -28.79
CA GLU C 133 -14.11 1.56 -29.84
C GLU C 133 -15.52 1.53 -29.26
N TYR C 134 -15.68 1.59 -27.94
CA TYR C 134 -16.97 1.83 -27.33
C TYR C 134 -17.49 3.23 -27.62
N GLY C 135 -16.63 4.14 -28.10
CA GLY C 135 -16.95 5.54 -28.32
C GLY C 135 -17.64 5.87 -29.63
N THR C 136 -17.96 7.17 -29.77
CA THR C 136 -18.73 7.67 -30.90
C THR C 136 -18.15 8.95 -31.54
N PHE C 137 -16.92 9.32 -31.24
CA PHE C 137 -16.36 10.57 -31.77
C PHE C 137 -15.14 10.28 -32.62
N LEU C 138 -15.16 10.73 -33.87
CA LEU C 138 -14.01 10.52 -34.74
C LEU C 138 -13.62 11.85 -35.36
N ALA C 139 -12.55 11.83 -36.13
CA ALA C 139 -12.09 13.03 -36.81
C ALA C 139 -11.52 12.64 -38.16
N PRO C 140 -11.20 13.61 -38.99
CA PRO C 140 -10.55 13.29 -40.27
C PRO C 140 -9.14 12.81 -40.01
N LEU C 141 -8.68 11.83 -40.79
CA LEU C 141 -7.35 11.26 -40.56
C LEU C 141 -6.30 12.37 -40.49
N GLY C 142 -5.53 12.35 -39.40
CA GLY C 142 -4.38 13.22 -39.31
C GLY C 142 -4.69 14.65 -38.92
N ALA C 143 -5.95 14.95 -38.62
CA ALA C 143 -6.29 16.30 -38.16
C ALA C 143 -5.37 16.68 -37.01
N PRO C 144 -4.84 17.90 -37.00
CA PRO C 144 -3.84 18.27 -35.98
C PRO C 144 -4.39 18.17 -34.57
N TYR C 145 -3.53 17.73 -33.65
CA TYR C 145 -3.97 17.54 -32.27
C TYR C 145 -4.57 18.80 -31.67
N ILE C 146 -3.96 19.96 -31.92
CA ILE C 146 -4.44 21.21 -31.31
C ILE C 146 -5.89 21.49 -31.71
N GLU C 147 -6.34 20.98 -32.85
CA GLU C 147 -7.67 21.29 -33.32
C GLU C 147 -8.74 20.43 -32.68
N ARG C 148 -8.35 19.41 -31.91
CA ARG C 148 -9.28 18.44 -31.36
C ARG C 148 -9.74 18.79 -29.93
N SER C 149 -9.12 19.77 -29.27
CA SER C 149 -9.48 20.12 -27.89
C SER C 149 -9.50 18.90 -26.98
N LEU C 150 -8.39 18.16 -26.97
CA LEU C 150 -8.28 16.98 -26.12
C LEU C 150 -7.23 17.18 -25.03
N PRO C 151 -7.43 16.59 -23.84
CA PRO C 151 -6.49 16.83 -22.73
C PRO C 151 -5.18 16.13 -22.97
N PRO C 152 -4.10 16.52 -22.27
CA PRO C 152 -2.77 15.99 -22.60
C PRO C 152 -2.59 14.49 -22.45
N SER C 153 -3.37 13.85 -21.58
CA SER C 153 -3.25 12.40 -21.37
C SER C 153 -3.39 11.61 -22.67
N ASN C 154 -4.10 12.13 -23.68
CA ASN C 154 -4.30 11.34 -24.87
C ASN C 154 -3.03 11.14 -25.67
N LEU C 155 -2.00 11.96 -25.44
CA LEU C 155 -0.71 11.71 -26.09
C LEU C 155 0.10 10.57 -25.49
N ASN C 156 -0.30 10.00 -24.35
CA ASN C 156 0.49 8.94 -23.75
C ASN C 156 0.72 7.81 -24.75
N THR C 157 1.92 7.23 -24.67
CA THR C 157 2.40 6.29 -25.68
C THR C 157 3.20 5.19 -25.02
N PHE C 158 2.99 3.95 -25.47
CA PHE C 158 3.81 2.83 -25.03
C PHE C 158 5.02 2.60 -25.91
N ASP C 159 4.95 2.94 -27.20
CA ASP C 159 6.06 2.65 -28.10
C ASP C 159 6.89 3.87 -28.44
N GLY C 160 6.58 5.02 -27.84
CA GLY C 160 7.23 6.27 -28.22
C GLY C 160 7.00 6.77 -29.63
N MET C 161 6.11 6.13 -30.39
CA MET C 161 5.83 6.48 -31.77
C MET C 161 4.43 7.04 -31.95
N TYR C 162 3.41 6.28 -31.55
CA TYR C 162 2.02 6.73 -31.62
C TYR C 162 1.38 6.67 -30.26
N PRO C 163 0.41 7.54 -30.00
CA PRO C 163 -0.36 7.42 -28.75
C PRO C 163 -1.01 6.02 -28.66
N TYR C 164 -0.99 5.42 -27.45
CA TYR C 164 -1.54 4.07 -27.22
C TYR C 164 -3.00 3.96 -27.63
N ASN C 165 -3.79 5.03 -27.46
CA ASN C 165 -5.21 4.93 -27.71
C ASN C 165 -5.60 5.53 -29.09
N TYR C 166 -4.65 5.68 -30.01
CA TYR C 166 -4.94 6.24 -31.33
C TYR C 166 -5.21 5.12 -32.32
N HIS C 167 -6.26 5.29 -33.14
CA HIS C 167 -6.66 4.30 -34.15
C HIS C 167 -7.08 5.00 -35.43
N VAL C 168 -6.97 4.27 -36.55
CA VAL C 168 -7.31 4.77 -37.87
C VAL C 168 -8.29 3.82 -38.53
N TYR C 169 -9.29 4.39 -39.19
CA TYR C 169 -10.39 3.68 -39.81
C TYR C 169 -10.65 4.24 -41.21
N GLN C 170 -11.35 3.45 -42.02
CA GLN C 170 -11.82 3.86 -43.33
C GLN C 170 -13.30 3.53 -43.48
N VAL C 171 -14.04 4.48 -44.04
CA VAL C 171 -15.47 4.29 -44.31
C VAL C 171 -15.59 3.26 -45.42
N THR C 172 -16.24 2.13 -45.13
CA THR C 172 -16.47 1.11 -46.12
C THR C 172 -17.91 1.04 -46.62
N LYS C 173 -18.83 1.79 -46.02
CA LYS C 173 -20.19 1.90 -46.49
C LYS C 173 -20.68 3.26 -46.00
N GLU C 174 -21.30 4.04 -46.88
CA GLU C 174 -21.74 5.38 -46.47
C GLU C 174 -22.68 5.28 -45.28
N PHE C 175 -22.60 6.26 -44.38
CA PHE C 175 -23.53 6.35 -43.26
C PHE C 175 -23.52 7.77 -42.71
N VAL C 176 -24.57 8.12 -41.97
CA VAL C 176 -24.80 9.48 -41.53
C VAL C 176 -24.22 9.68 -40.13
N VAL C 177 -23.54 10.82 -39.95
CA VAL C 177 -23.00 11.24 -38.66
C VAL C 177 -23.40 12.69 -38.43
N GLY C 178 -23.30 13.13 -37.18
CA GLY C 178 -23.32 14.54 -36.94
C GLY C 178 -21.92 15.06 -37.22
N LEU C 179 -21.84 16.25 -37.78
CA LEU C 179 -20.59 16.81 -38.30
C LEU C 179 -20.60 18.27 -37.89
N GLY C 180 -19.53 18.69 -37.23
CA GLY C 180 -19.45 20.09 -36.91
C GLY C 180 -18.12 20.51 -36.35
N PRO C 181 -17.93 21.81 -36.16
CA PRO C 181 -16.64 22.30 -35.71
C PRO C 181 -16.48 22.01 -34.22
N ILE C 182 -15.24 22.01 -33.79
CA ILE C 182 -14.86 21.59 -32.44
C ILE C 182 -14.62 22.84 -31.63
N ALA C 183 -15.29 22.95 -30.48
CA ALA C 183 -15.09 24.13 -29.64
C ALA C 183 -13.71 24.09 -28.99
N PRO C 184 -13.12 25.26 -28.71
CA PRO C 184 -11.90 25.29 -27.92
C PRO C 184 -12.15 24.75 -26.51
N TRP C 185 -11.21 23.96 -26.03
CA TRP C 185 -11.22 23.45 -24.66
C TRP C 185 -9.82 23.01 -24.26
N PHE C 186 -9.60 22.94 -22.95
CA PHE C 186 -8.36 22.43 -22.36
C PHE C 186 -7.15 23.28 -22.77
N GLU C 187 -7.37 24.59 -22.95
CA GLU C 187 -6.42 25.59 -23.45
C GLU C 187 -6.09 25.45 -24.93
N GLN C 188 -6.76 24.54 -25.64
CA GLN C 188 -6.51 24.32 -27.05
C GLN C 188 -7.50 25.10 -27.90
N PRO C 189 -7.06 25.50 -29.10
CA PRO C 189 -7.91 26.31 -29.96
C PRO C 189 -9.06 25.58 -30.62
N GLY C 190 -9.05 24.26 -30.66
CA GLY C 190 -10.17 23.63 -31.32
C GLY C 190 -10.21 23.98 -32.80
N MET C 191 -11.42 24.00 -33.36
CA MET C 191 -11.75 24.41 -34.73
C MET C 191 -11.34 23.38 -35.78
N GLY C 192 -11.01 22.15 -35.36
CA GLY C 192 -11.09 21.03 -36.27
C GLY C 192 -12.55 20.68 -36.50
N THR C 193 -12.76 19.61 -37.24
CA THR C 193 -14.11 19.09 -37.44
C THR C 193 -14.20 17.77 -36.71
N GLN C 194 -15.34 17.49 -36.10
CA GLN C 194 -15.56 16.21 -35.46
C GLN C 194 -16.85 15.58 -35.94
N PHE C 195 -16.84 14.24 -35.91
CA PHE C 195 -17.98 13.44 -36.32
C PHE C 195 -18.48 12.71 -35.07
N VAL C 196 -19.78 12.75 -34.84
CA VAL C 196 -20.41 11.97 -33.78
C VAL C 196 -21.26 10.92 -34.46
N THR C 197 -21.03 9.66 -34.11
CA THR C 197 -21.79 8.58 -34.71
C THR C 197 -22.95 8.20 -33.80
N TYR C 198 -23.97 7.61 -34.40
CA TYR C 198 -25.11 7.17 -33.60
C TYR C 198 -25.05 5.69 -33.28
N THR C 199 -23.92 5.04 -33.57
CA THR C 199 -23.57 3.70 -33.11
C THR C 199 -22.08 3.78 -32.80
N ASN C 200 -21.66 3.12 -31.73
CA ASN C 200 -20.24 3.13 -31.41
C ASN C 200 -19.43 2.42 -32.52
N VAL C 201 -18.12 2.65 -32.47
CA VAL C 201 -17.20 2.11 -33.48
C VAL C 201 -17.29 0.59 -33.55
N LEU C 202 -17.47 -0.10 -32.42
CA LEU C 202 -17.52 -1.55 -32.48
C LEU C 202 -18.66 -2.01 -33.39
N GLY C 203 -19.82 -1.39 -33.28
CA GLY C 203 -20.94 -1.80 -34.11
C GLY C 203 -20.82 -1.35 -35.55
N LEU C 204 -20.22 -0.18 -35.77
CA LEU C 204 -19.94 0.26 -37.13
C LEU C 204 -19.00 -0.70 -37.85
N ILE C 205 -17.94 -1.14 -37.17
CA ILE C 205 -17.06 -2.15 -37.75
C ILE C 205 -17.83 -3.43 -37.99
N ASP C 206 -18.58 -3.87 -37.00
CA ASP C 206 -19.22 -5.17 -37.10
C ASP C 206 -20.23 -5.20 -38.24
N ASP C 207 -20.91 -4.09 -38.49
CA ASP C 207 -21.93 -3.98 -39.54
C ASP C 207 -21.37 -3.53 -40.88
N GLY C 208 -20.07 -3.32 -40.98
CA GLY C 208 -19.43 -3.07 -42.26
C GLY C 208 -19.41 -1.63 -42.68
N TYR C 209 -19.58 -0.70 -41.74
CA TYR C 209 -19.52 0.70 -42.08
C TYR C 209 -18.10 1.25 -41.95
N LEU C 210 -17.30 0.68 -41.04
CA LEU C 210 -15.90 1.07 -40.88
C LEU C 210 -14.99 -0.15 -40.91
N ARG C 211 -13.80 0.06 -41.48
CA ARG C 211 -12.67 -0.86 -41.41
C ARG C 211 -11.54 -0.26 -40.60
N ARG C 212 -10.85 -1.10 -39.81
CA ARG C 212 -9.73 -0.63 -39.02
C ARG C 212 -8.46 -0.78 -39.88
N GLU C 213 -7.45 0.04 -39.61
CA GLU C 213 -6.29 0.09 -40.50
C GLU C 213 -4.96 -0.02 -39.76
N ASP C 214 -3.87 0.24 -40.48
CA ASP C 214 -2.52 0.41 -39.90
C ASP C 214 -2.02 -0.81 -39.09
N SER D 27 6.36 27.80 33.74
CA SER D 27 6.16 28.68 32.60
C SER D 27 6.42 27.97 31.29
N LEU D 28 5.36 27.43 30.70
CA LEU D 28 5.47 26.59 29.50
C LEU D 28 5.52 27.39 28.20
N PHE D 29 5.04 28.63 28.20
CA PHE D 29 4.90 29.38 26.96
C PHE D 29 5.51 30.76 27.11
N PRO D 30 5.98 31.32 26.00
CA PRO D 30 6.25 32.76 25.94
C PRO D 30 5.10 33.58 26.52
N ALA D 31 5.49 34.66 27.22
CA ALA D 31 4.55 35.56 27.89
C ALA D 31 3.50 36.10 26.93
N ARG D 32 3.85 36.21 25.64
CA ARG D 32 2.98 36.82 24.65
C ARG D 32 1.66 36.07 24.53
N CYS D 33 1.69 34.79 24.17
CA CYS D 33 0.47 34.06 23.85
C CYS D 33 -0.37 33.75 25.08
N TRP D 34 0.19 33.95 26.27
CA TRP D 34 -0.43 33.63 27.55
C TRP D 34 -1.95 33.78 27.65
N PRO D 35 -2.61 34.83 27.06
CA PRO D 35 -4.08 34.81 27.08
C PRO D 35 -4.67 33.45 26.71
N ASP D 36 -4.56 33.00 25.45
CA ASP D 36 -5.14 31.73 25.05
C ASP D 36 -4.15 30.75 24.44
N PRO D 37 -3.17 30.24 25.19
CA PRO D 37 -2.18 29.42 24.49
C PRO D 37 -2.94 28.18 24.00
N CYS D 38 -2.27 27.35 23.24
CA CYS D 38 -2.81 26.13 22.62
C CYS D 38 -3.90 26.44 21.59
N ALA D 39 -4.07 27.72 21.25
CA ALA D 39 -5.04 28.12 20.24
C ALA D 39 -4.78 27.34 18.96
N GLY D 40 -5.80 26.69 18.40
CA GLY D 40 -5.58 26.04 17.13
C GLY D 40 -5.01 24.64 17.19
N ILE D 41 -4.65 24.17 18.37
CA ILE D 41 -4.06 22.84 18.56
C ILE D 41 -5.17 21.88 18.93
N THR D 42 -5.23 20.74 18.25
CA THR D 42 -6.18 19.72 18.62
C THR D 42 -5.67 18.96 19.83
N PHE D 43 -6.45 18.99 20.90
CA PHE D 43 -6.09 18.27 22.11
C PHE D 43 -6.22 16.78 21.86
N GLN D 44 -5.22 16.02 22.27
CA GLN D 44 -5.28 14.58 22.11
C GLN D 44 -5.18 13.85 23.44
N ASN D 45 -4.18 14.15 24.24
CA ASN D 45 -3.88 13.41 25.46
C ASN D 45 -3.46 14.45 26.49
N ASP D 46 -3.76 14.17 27.76
CA ASP D 46 -3.54 15.16 28.81
C ASP D 46 -2.04 15.36 29.07
N THR D 47 -1.22 14.32 28.87
CA THR D 47 0.18 14.40 29.27
C THR D 47 1.03 15.30 28.38
N TYR D 48 0.50 15.77 27.25
CA TYR D 48 1.31 16.57 26.33
C TYR D 48 0.89 18.03 26.37
N VAL D 49 1.86 18.90 26.09
CA VAL D 49 1.59 20.34 26.07
C VAL D 49 0.55 20.61 24.99
N CYS D 50 -0.52 21.30 25.37
CA CYS D 50 -1.63 21.54 24.45
C CYS D 50 -2.26 20.24 23.93
N GLY D 51 -2.02 19.12 24.60
CA GLY D 51 -2.53 17.85 24.11
C GLY D 51 -1.92 17.35 22.81
N ASP D 52 -0.80 17.92 22.39
CA ASP D 52 -0.21 17.54 21.12
C ASP D 52 1.14 16.87 21.39
N PRO D 53 1.28 15.57 21.13
CA PRO D 53 2.55 14.89 21.43
C PRO D 53 3.72 15.54 20.72
N ARG D 54 3.48 16.11 19.54
CA ARG D 54 4.53 16.82 18.84
C ARG D 54 5.11 17.99 19.65
N LEU D 55 4.34 18.53 20.60
CA LEU D 55 4.80 19.66 21.40
C LEU D 55 5.51 19.25 22.69
N GLY D 56 5.77 17.96 22.90
CA GLY D 56 6.46 17.51 24.08
C GLY D 56 5.62 17.32 25.33
N PRO D 57 6.25 16.88 26.42
CA PRO D 57 5.51 16.58 27.64
C PRO D 57 5.25 17.84 28.43
N VAL D 58 4.17 17.83 29.22
CA VAL D 58 3.95 18.92 30.18
C VAL D 58 5.07 18.94 31.22
N VAL D 59 5.46 17.78 31.73
CA VAL D 59 6.54 17.66 32.70
C VAL D 59 7.76 17.11 31.99
N LEU D 60 8.83 17.90 31.89
CA LEU D 60 10.03 17.44 31.21
C LEU D 60 10.75 16.36 32.04
N PRO D 61 11.39 15.40 31.37
CA PRO D 61 12.16 14.37 32.11
C PRO D 61 13.15 14.99 33.09
N GLN D 62 13.09 14.62 34.38
CA GLN D 62 13.74 15.47 35.38
C GLN D 62 15.25 15.29 35.48
N LYS D 63 15.87 14.55 34.59
CA LYS D 63 17.29 14.23 34.71
C LYS D 63 18.00 14.48 33.41
N PHE D 64 17.26 14.86 32.34
CA PHE D 64 18.00 15.01 31.10
C PHE D 64 18.49 16.45 30.94
N PRO D 65 19.78 16.68 30.55
CA PRO D 65 20.31 18.05 30.51
C PRO D 65 19.72 18.87 29.38
N LEU D 66 18.87 19.83 29.74
CA LEU D 66 18.27 20.72 28.75
C LEU D 66 19.12 21.98 28.58
N ASN D 67 19.37 22.66 29.70
CA ASN D 67 20.14 23.90 29.68
C ASN D 67 21.63 23.65 29.42
N ASN D 68 22.29 24.68 28.89
CA ASN D 68 23.75 24.70 28.86
C ASN D 68 24.27 25.56 30.03
N GLU D 69 25.54 25.97 29.99
CA GLU D 69 26.14 26.66 31.13
C GLU D 69 25.39 27.94 31.49
N LEU D 70 24.96 28.71 30.49
CA LEU D 70 24.34 30.02 30.75
C LEU D 70 22.96 30.23 30.14
N ARG D 71 22.56 29.45 29.12
CA ARG D 71 21.29 29.62 28.43
C ARG D 71 20.24 28.67 28.96
N THR D 72 18.97 29.07 28.85
CA THR D 72 17.87 28.20 29.25
C THR D 72 17.16 27.68 28.00
N TYR D 73 16.77 26.41 28.04
CA TYR D 73 16.02 25.76 26.98
C TYR D 73 14.62 26.34 26.88
N ALA D 74 14.27 26.84 25.69
CA ALA D 74 12.94 27.33 25.34
C ALA D 74 12.32 26.34 24.36
N ARG D 75 11.29 25.64 24.82
CA ARG D 75 10.73 24.53 24.04
C ARG D 75 10.31 24.97 22.64
N PHE D 76 9.79 26.19 22.50
CA PHE D 76 9.27 26.69 21.24
C PHE D 76 10.08 27.89 20.77
N GLY D 77 11.26 28.07 21.33
CA GLY D 77 11.98 29.32 21.18
C GLY D 77 11.09 30.42 21.70
N ALA D 78 10.92 31.48 20.92
CA ALA D 78 10.03 32.55 21.32
C ALA D 78 8.63 32.43 20.71
N LEU D 79 8.36 31.36 19.97
CA LEU D 79 7.11 31.22 19.24
C LEU D 79 6.07 30.57 20.13
N CYS D 80 4.81 30.87 19.86
CA CYS D 80 3.71 30.16 20.49
C CYS D 80 3.45 28.84 19.75
N PRO D 81 2.72 27.90 20.41
CA PRO D 81 2.51 26.56 19.81
C PRO D 81 2.10 26.46 18.34
N ALA D 82 0.99 27.11 17.99
CA ALA D 82 0.53 27.03 16.61
C ALA D 82 1.52 27.66 15.63
N GLU D 83 2.10 28.80 16.01
CA GLU D 83 3.14 29.41 15.19
C GLU D 83 4.30 28.46 14.97
N PHE D 84 4.67 27.74 16.02
CA PHE D 84 5.79 26.83 15.97
C PHE D 84 5.51 25.71 14.99
N LEU D 85 4.34 25.06 15.12
CA LEU D 85 4.00 23.98 14.20
C LEU D 85 3.88 24.49 12.76
N ASP D 86 3.30 25.69 12.56
CA ASP D 86 3.17 26.21 11.20
C ASP D 86 4.54 26.40 10.54
N LYS D 87 5.53 26.85 11.33
CA LYS D 87 6.87 27.09 10.78
C LYS D 87 7.65 25.79 10.58
N TRP D 88 7.53 24.84 11.51
CA TRP D 88 8.44 23.70 11.56
C TRP D 88 7.78 22.36 11.21
N ALA D 89 6.47 22.31 11.00
CA ALA D 89 5.75 21.11 10.61
C ALA D 89 4.95 21.36 9.33
N THR D 90 4.47 20.27 8.72
CA THR D 90 3.77 20.38 7.45
C THR D 90 2.34 20.89 7.61
N ASP D 91 1.80 20.84 8.83
CA ASP D 91 0.40 21.17 9.09
C ASP D 91 0.23 21.29 10.60
N VAL D 92 -0.40 22.38 11.08
CA VAL D 92 -0.71 22.46 12.50
C VAL D 92 -1.65 21.33 12.91
N ALA D 93 -2.43 20.80 11.96
CA ALA D 93 -3.29 19.66 12.21
C ALA D 93 -2.48 18.47 12.70
N PRO D 94 -3.12 17.55 13.44
CA PRO D 94 -2.38 16.42 14.03
C PRO D 94 -1.48 15.64 13.06
N ASN D 95 -1.90 15.45 11.80
CA ASN D 95 -1.14 14.62 10.86
C ASN D 95 0.10 15.32 10.30
N GLY D 96 0.33 16.59 10.63
CA GLY D 96 1.54 17.25 10.17
C GLY D 96 2.80 16.64 10.75
N THR D 97 3.84 16.56 9.93
CA THR D 97 5.10 15.97 10.36
C THR D 97 6.15 17.07 10.44
N TYR D 98 7.12 16.88 11.33
CA TYR D 98 8.15 17.91 11.44
C TYR D 98 9.01 17.94 10.17
N ILE D 99 9.47 19.14 9.83
CA ILE D 99 10.37 19.35 8.70
C ILE D 99 11.80 19.43 9.22
N TYR D 100 12.63 18.48 8.84
CA TYR D 100 13.99 18.38 9.35
C TYR D 100 14.95 19.10 8.41
N PRO D 101 16.11 19.52 8.90
CA PRO D 101 17.02 20.30 8.06
C PRO D 101 17.70 19.47 6.98
N PRO D 102 18.22 20.14 5.95
CA PRO D 102 18.90 19.43 4.86
C PRO D 102 20.27 18.95 5.30
N ALA D 103 20.89 18.17 4.40
CA ALA D 103 22.22 17.60 4.62
C ALA D 103 22.32 16.98 6.01
N ASN D 104 21.30 16.22 6.40
CA ASN D 104 21.27 15.48 7.65
C ASN D 104 21.49 16.36 8.87
N GLY D 105 21.18 17.66 8.77
CA GLY D 105 21.25 18.57 9.88
C GLY D 105 22.63 19.13 10.23
N PHE D 106 23.65 18.80 9.44
CA PHE D 106 24.97 19.41 9.63
C PHE D 106 24.93 20.88 9.21
N ALA D 107 25.64 21.72 9.96
CA ALA D 107 25.84 23.11 9.56
C ALA D 107 26.43 23.24 8.16
N LEU D 108 25.94 24.22 7.42
CA LEU D 108 26.35 24.41 6.04
C LEU D 108 27.39 25.52 5.96
N ASP D 109 28.35 25.32 5.06
CA ASP D 109 29.41 26.28 4.82
C ASP D 109 28.93 27.30 3.79
N THR D 110 29.83 28.18 3.34
CA THR D 110 29.39 29.27 2.48
C THR D 110 28.93 28.83 1.08
N GLU D 111 29.36 27.68 0.59
CA GLU D 111 28.86 27.13 -0.66
C GLU D 111 27.71 26.14 -0.43
N GLU D 112 27.04 26.22 0.73
CA GLU D 112 25.91 25.38 1.09
C GLU D 112 26.26 23.89 1.19
N GLN D 113 27.54 23.58 1.48
CA GLN D 113 27.91 22.17 1.66
C GLN D 113 28.05 21.83 3.14
N PRO D 114 27.63 20.62 3.52
CA PRO D 114 27.74 20.21 4.93
C PRO D 114 29.18 20.10 5.40
N ILE D 115 29.44 20.62 6.60
CA ILE D 115 30.76 20.56 7.23
C ILE D 115 30.87 19.23 7.96
N LEU D 116 31.68 18.33 7.42
CA LEU D 116 31.66 16.95 7.87
C LEU D 116 33.00 16.29 7.57
N GLY D 117 33.45 15.40 8.46
CA GLY D 117 34.63 14.61 8.16
C GLY D 117 34.46 13.19 8.65
N ASN D 118 35.25 12.27 8.09
CA ASN D 118 35.19 10.89 8.55
C ASN D 118 36.29 10.72 9.58
N ALA D 119 35.91 10.22 10.76
CA ALA D 119 36.86 10.03 11.84
C ALA D 119 36.60 8.73 12.57
N THR D 120 37.66 8.21 13.19
CA THR D 120 37.58 7.02 14.02
C THR D 120 37.19 7.36 15.44
N LEU D 121 36.07 6.82 15.89
CA LEU D 121 35.72 6.98 17.29
C LEU D 121 36.53 5.98 18.11
N PRO D 122 37.17 6.43 19.17
CA PRO D 122 38.02 5.55 19.98
C PRO D 122 37.23 4.66 20.92
N VAL D 123 37.83 3.52 21.27
CA VAL D 123 37.22 2.62 22.24
C VAL D 123 37.03 3.34 23.56
N GLY D 124 35.93 3.05 24.24
CA GLY D 124 35.61 3.68 25.50
C GLY D 124 34.77 4.94 25.40
N MET D 125 34.73 5.59 24.23
CA MET D 125 33.92 6.80 24.05
C MET D 125 32.45 6.52 24.33
N LYS D 126 31.81 7.46 25.01
CA LYS D 126 30.43 7.31 25.44
C LYS D 126 29.51 8.15 24.57
N LEU D 127 28.48 7.51 24.00
CA LEU D 127 27.60 8.10 23.02
C LEU D 127 26.15 7.97 23.50
N ASP D 128 25.27 8.80 22.94
CA ASP D 128 23.83 8.63 23.14
C ASP D 128 23.09 8.93 21.84
N ARG D 129 21.78 8.66 21.87
CA ARG D 129 20.97 8.79 20.65
C ARG D 129 19.50 9.00 21.01
N PHE D 130 18.85 9.89 20.28
CA PHE D 130 17.39 10.00 20.31
C PHE D 130 16.85 9.25 19.08
N GLY D 131 16.13 8.16 19.30
CA GLY D 131 15.55 7.41 18.21
C GLY D 131 15.87 5.94 18.30
N SER D 132 15.18 5.17 17.46
CA SER D 132 15.29 3.73 17.45
C SER D 132 16.65 3.27 16.92
N GLU D 133 16.99 2.02 17.24
CA GLU D 133 18.26 1.45 16.82
C GLU D 133 18.34 1.12 15.31
N TYR D 134 17.30 1.43 14.54
CA TYR D 134 17.45 1.34 13.09
C TYR D 134 18.07 2.59 12.50
N GLY D 135 18.24 3.64 13.29
CA GLY D 135 18.88 4.86 12.83
C GLY D 135 20.41 4.82 12.78
N THR D 136 20.96 6.01 12.47
CA THR D 136 22.38 6.14 12.21
C THR D 136 23.02 7.38 12.83
N PHE D 137 22.31 8.12 13.69
CA PHE D 137 22.75 9.41 14.21
C PHE D 137 22.97 9.38 15.72
N LEU D 138 24.19 9.69 16.15
CA LEU D 138 24.47 9.70 17.57
C LEU D 138 25.11 11.02 17.97
N ALA D 139 25.20 11.24 19.28
CA ALA D 139 25.86 12.42 19.80
C ALA D 139 26.75 12.02 20.97
N PRO D 140 27.62 12.90 21.45
CA PRO D 140 28.38 12.57 22.67
C PRO D 140 27.44 12.48 23.85
N LEU D 141 27.71 11.52 24.73
CA LEU D 141 26.84 11.29 25.88
C LEU D 141 26.66 12.57 26.69
N GLY D 142 25.40 12.90 26.97
CA GLY D 142 25.09 14.02 27.85
C GLY D 142 25.13 15.41 27.25
N ALA D 143 25.36 15.54 25.94
CA ALA D 143 25.36 16.86 25.33
C ALA D 143 24.04 17.57 25.63
N PRO D 144 24.05 18.87 25.96
CA PRO D 144 22.81 19.58 26.34
C PRO D 144 21.80 19.51 25.19
N TYR D 145 20.52 19.33 25.53
CA TYR D 145 19.48 19.24 24.51
C TYR D 145 19.46 20.43 23.55
N ILE D 146 19.62 21.67 24.05
CA ILE D 146 19.53 22.81 23.15
C ILE D 146 20.54 22.81 22.03
N GLU D 147 21.66 22.13 22.21
CA GLU D 147 22.68 22.09 21.16
C GLU D 147 22.38 21.03 20.08
N ARG D 148 21.37 20.16 20.27
CA ARG D 148 21.08 19.07 19.34
C ARG D 148 20.07 19.40 18.24
N SER D 149 19.38 20.54 18.28
CA SER D 149 18.34 20.90 17.28
C SER D 149 17.34 19.78 17.02
N LEU D 150 16.78 19.23 18.10
CA LEU D 150 15.69 18.25 18.03
C LEU D 150 14.36 18.82 18.50
N PRO D 151 13.25 18.43 17.88
CA PRO D 151 11.97 19.06 18.23
C PRO D 151 11.54 18.66 19.62
N PRO D 152 10.53 19.33 20.19
CA PRO D 152 10.14 19.04 21.58
C PRO D 152 9.63 17.64 21.85
N SER D 153 9.03 16.99 20.85
CA SER D 153 8.46 15.66 21.08
C SER D 153 9.46 14.62 21.49
N ASN D 154 10.74 14.81 21.18
CA ASN D 154 11.75 13.83 21.59
C ASN D 154 11.97 13.82 23.10
N LEU D 155 11.47 14.83 23.81
CA LEU D 155 11.52 14.82 25.27
C LEU D 155 10.43 14.01 25.95
N ASN D 156 9.45 13.47 25.22
CA ASN D 156 8.40 12.69 25.88
C ASN D 156 8.97 11.51 26.66
N THR D 157 8.37 11.25 27.82
CA THR D 157 8.94 10.32 28.79
C THR D 157 7.84 9.50 29.43
N PHE D 158 8.19 8.27 29.80
CA PHE D 158 7.30 7.37 30.53
C PHE D 158 7.58 7.37 32.02
N ASP D 159 8.85 7.26 32.42
CA ASP D 159 9.20 7.24 33.83
C ASP D 159 9.40 8.61 34.46
N GLY D 160 9.33 9.70 33.69
CA GLY D 160 9.54 11.04 34.19
C GLY D 160 10.98 11.41 34.47
N MET D 161 11.93 10.52 34.19
CA MET D 161 13.33 10.79 34.47
C MET D 161 14.15 11.03 33.20
N TYR D 162 14.00 10.16 32.20
CA TYR D 162 14.66 10.23 30.90
C TYR D 162 13.64 10.10 29.78
N PRO D 163 13.88 10.74 28.64
CA PRO D 163 13.01 10.48 27.47
C PRO D 163 12.92 8.99 27.21
N TYR D 164 11.76 8.52 26.73
CA TYR D 164 11.67 7.09 26.35
C TYR D 164 12.55 6.72 25.16
N ASN D 165 12.61 7.54 24.10
CA ASN D 165 13.42 7.18 22.93
C ASN D 165 14.84 7.67 23.05
N TYR D 166 15.38 7.72 24.26
CA TYR D 166 16.80 7.98 24.54
C TYR D 166 17.62 6.73 24.85
N HIS D 167 18.80 6.61 24.25
CA HIS D 167 19.63 5.42 24.47
C HIS D 167 21.08 5.86 24.66
N VAL D 168 21.82 5.04 25.41
CA VAL D 168 23.24 5.29 25.70
C VAL D 168 24.09 4.11 25.26
N TYR D 169 25.23 4.40 24.65
CA TYR D 169 26.11 3.38 24.12
C TYR D 169 27.55 3.70 24.49
N GLN D 170 28.40 2.70 24.41
CA GLN D 170 29.83 2.87 24.58
C GLN D 170 30.57 2.16 23.46
N VAL D 171 31.54 2.83 22.87
CA VAL D 171 32.31 2.23 21.79
C VAL D 171 33.16 1.10 22.37
N THR D 172 32.97 -0.11 21.86
CA THR D 172 33.75 -1.27 22.30
C THR D 172 34.77 -1.71 21.28
N LYS D 173 34.64 -1.26 20.04
CA LYS D 173 35.67 -1.43 19.03
C LYS D 173 35.66 -0.19 18.14
N GLU D 174 36.84 0.23 17.72
CA GLU D 174 36.97 1.40 16.85
C GLU D 174 36.17 1.26 15.57
N PHE D 175 35.66 2.38 15.09
CA PHE D 175 35.02 2.41 13.78
C PHE D 175 34.85 3.86 13.35
N VAL D 176 34.62 4.04 12.06
CA VAL D 176 34.66 5.36 11.42
C VAL D 176 33.23 5.86 11.22
N VAL D 177 33.00 7.11 11.58
CA VAL D 177 31.72 7.77 11.39
C VAL D 177 31.99 9.11 10.71
N GLY D 178 30.94 9.68 10.14
CA GLY D 178 31.01 11.07 9.77
C GLY D 178 30.73 11.89 11.02
N LEU D 179 31.37 13.04 11.12
CA LEU D 179 31.43 13.83 12.34
C LEU D 179 31.41 15.29 11.95
N GLY D 180 30.50 16.03 12.57
CA GLY D 180 30.36 17.43 12.22
C GLY D 180 29.43 18.20 13.14
N PRO D 181 29.46 19.52 13.02
CA PRO D 181 28.62 20.36 13.88
C PRO D 181 27.17 20.25 13.45
N ILE D 182 26.29 20.59 14.39
CA ILE D 182 24.85 20.46 14.19
C ILE D 182 24.30 21.83 13.87
N ALA D 183 23.57 21.93 12.76
CA ALA D 183 23.00 23.21 12.38
C ALA D 183 21.87 23.59 13.35
N PRO D 184 21.65 24.88 13.57
CA PRO D 184 20.44 25.32 14.28
C PRO D 184 19.18 24.98 13.50
N TRP D 185 18.16 24.54 14.23
CA TRP D 185 16.85 24.19 13.71
C TRP D 185 15.87 24.10 14.88
N PHE D 186 14.59 24.19 14.56
CA PHE D 186 13.49 24.09 15.53
C PHE D 186 13.58 25.15 16.64
N GLU D 187 14.07 26.34 16.30
CA GLU D 187 14.33 27.46 17.21
C GLU D 187 15.48 27.18 18.17
N GLN D 188 16.22 26.03 18.02
CA GLN D 188 17.34 25.77 18.94
C GLN D 188 18.66 26.22 18.31
N PRO D 189 19.63 26.60 19.14
CA PRO D 189 20.91 27.06 18.57
C PRO D 189 21.77 25.97 17.99
N GLY D 190 21.53 24.71 18.32
CA GLY D 190 22.45 23.77 17.74
C GLY D 190 23.89 23.94 18.16
N MET D 191 24.79 23.58 17.26
CA MET D 191 26.24 23.70 17.35
C MET D 191 26.84 22.69 18.32
N GLY D 192 26.10 21.66 18.69
CA GLY D 192 26.74 20.45 19.17
C GLY D 192 27.41 19.70 18.03
N THR D 193 27.89 18.50 18.37
CA THR D 193 28.46 17.64 17.36
C THR D 193 27.61 16.39 17.20
N GLN D 194 27.45 15.93 15.96
CA GLN D 194 26.74 14.69 15.68
C GLN D 194 27.60 13.75 14.85
N PHE D 195 27.32 12.44 15.02
CA PHE D 195 28.02 11.37 14.33
C PHE D 195 26.99 10.67 13.46
N VAL D 196 27.36 10.34 12.23
CA VAL D 196 26.52 9.58 11.31
C VAL D 196 27.25 8.28 11.02
N THR D 197 26.63 7.18 11.40
CA THR D 197 27.26 5.90 11.14
C THR D 197 26.92 5.40 9.75
N TYR D 198 27.75 4.48 9.28
CA TYR D 198 27.50 3.84 8.00
C TYR D 198 26.99 2.42 8.17
N THR D 199 26.73 2.04 9.42
CA THR D 199 25.92 0.89 9.79
C THR D 199 24.94 1.40 10.83
N ASN D 200 23.69 0.93 10.77
CA ASN D 200 22.70 1.30 11.78
C ASN D 200 23.13 0.78 13.16
N VAL D 201 22.58 1.41 14.23
CA VAL D 201 23.01 1.04 15.57
C VAL D 201 22.81 -0.45 15.76
N LEU D 202 21.68 -0.98 15.29
CA LEU D 202 21.50 -2.42 15.40
C LEU D 202 22.59 -2.98 14.52
N GLY D 203 23.32 -3.94 15.01
CA GLY D 203 24.30 -4.50 14.11
C GLY D 203 25.59 -3.88 14.57
N LEU D 204 25.63 -2.57 14.87
CA LEU D 204 26.90 -2.09 15.40
C LEU D 204 27.05 -2.76 16.73
N ILE D 205 25.91 -2.89 17.43
CA ILE D 205 25.88 -3.62 18.69
C ILE D 205 26.18 -5.09 18.42
N ASP D 206 25.46 -5.71 17.47
CA ASP D 206 25.65 -7.14 17.18
C ASP D 206 27.07 -7.45 16.68
N ASP D 207 27.76 -6.49 16.07
CA ASP D 207 29.11 -6.71 15.57
C ASP D 207 30.17 -6.33 16.58
N GLY D 208 29.78 -5.87 17.76
CA GLY D 208 30.72 -5.57 18.81
C GLY D 208 31.36 -4.20 18.71
N TYR D 209 30.78 -3.29 17.92
CA TYR D 209 31.32 -1.95 17.84
C TYR D 209 30.74 -1.05 18.91
N LEU D 210 29.53 -1.36 19.37
CA LEU D 210 28.87 -0.65 20.45
C LEU D 210 28.36 -1.64 21.47
N ARG D 211 28.26 -1.17 22.71
CA ARG D 211 27.54 -1.84 23.76
C ARG D 211 26.47 -0.92 24.34
N ARG D 212 25.37 -1.51 24.81
CA ARG D 212 24.33 -0.74 25.46
C ARG D 212 24.71 -0.40 26.90
N GLU D 213 24.21 0.73 27.38
CA GLU D 213 24.42 1.17 28.76
C GLU D 213 23.13 1.75 29.32
N ASP D 214 22.94 1.55 30.63
CA ASP D 214 21.74 2.01 31.31
C ASP D 214 22.04 3.33 32.02
N PRO D 215 21.31 4.42 31.73
CA PRO D 215 21.49 5.68 32.47
C PRO D 215 20.87 5.65 33.87
C1 NAG E . 14.53 -28.98 -0.47
C2 NAG E . 15.93 -28.37 -0.41
C3 NAG E . 16.45 -28.09 -1.81
C4 NAG E . 16.40 -29.35 -2.66
C5 NAG E . 14.98 -29.92 -2.64
C6 NAG E . 14.82 -31.22 -3.41
C7 NAG E . 16.42 -27.14 1.67
C8 NAG E . 16.98 -28.45 2.18
N2 NAG E . 15.94 -27.16 0.41
O3 NAG E . 17.80 -27.61 -1.71
O4 NAG E . 16.80 -29.06 -3.99
O5 NAG E . 14.55 -30.17 -1.29
O6 NAG E . 15.43 -32.33 -2.77
O7 NAG E . 16.40 -26.13 2.34
C1 NAG E . 17.87 -29.94 -4.43
C2 NAG E . 17.73 -30.14 -5.94
C3 NAG E . 18.83 -31.07 -6.45
C4 NAG E . 20.20 -30.53 -6.06
C5 NAG E . 20.27 -30.29 -4.55
C6 NAG E . 21.56 -29.64 -4.10
C7 NAG E . 15.45 -29.94 -6.81
C8 NAG E . 14.15 -30.65 -7.08
N2 NAG E . 16.42 -30.67 -6.27
O3 NAG E . 18.76 -31.19 -7.87
O4 NAG E . 21.22 -31.46 -6.45
O5 NAG E . 19.21 -29.41 -4.13
O6 NAG E . 22.39 -29.31 -5.21
O7 NAG E . 15.60 -28.75 -7.09
C1 FUC E . 14.52 -33.46 -2.70
C2 FUC E . 15.37 -34.64 -2.34
C3 FUC E . 16.06 -34.30 -1.00
C4 FUC E . 14.99 -34.12 0.12
C5 FUC E . 13.92 -33.10 -0.32
C6 FUC E . 12.66 -33.14 0.54
O2 FUC E . 16.31 -34.89 -3.36
O3 FUC E . 16.99 -35.32 -0.63
O4 FUC E . 14.37 -35.36 0.45
O5 FUC E . 13.48 -33.30 -1.71
C1 NAG F . 18.11 -11.18 10.46
C2 NAG F . 19.19 -12.28 10.65
C3 NAG F . 19.43 -12.56 12.14
C4 NAG F . 19.67 -11.28 12.92
C5 NAG F . 18.54 -10.29 12.65
C6 NAG F . 18.75 -8.96 13.33
C7 NAG F . 19.16 -13.79 8.71
C8 NAG F . 18.65 -15.10 8.16
N2 NAG F . 18.80 -13.51 9.97
O3 NAG F . 20.57 -13.41 12.26
O4 NAG F . 19.68 -11.59 14.32
O5 NAG F . 18.44 -10.04 11.25
O6 NAG F . 19.98 -8.39 12.90
O7 NAG F . 19.86 -13.03 8.05
C1 NAG F . 20.84 -11.17 15.07
C2 NAG F . 20.43 -11.35 16.53
C3 NAG F . 21.59 -11.00 17.47
C4 NAG F . 22.86 -11.74 17.07
C5 NAG F . 23.14 -11.53 15.59
C6 NAG F . 24.32 -12.34 15.08
C7 NAG F . 18.07 -11.05 17.12
C8 NAG F . 16.98 -10.06 17.43
N2 NAG F . 19.27 -10.54 16.83
O3 NAG F . 21.24 -11.31 18.82
O4 NAG F . 23.93 -11.19 17.80
O5 NAG F . 22.00 -11.93 14.80
O6 NAG F . 24.14 -12.71 13.72
O7 NAG F . 17.86 -12.26 17.15
C1 BMA F . 24.42 -12.10 18.81
C2 BMA F . 25.92 -11.89 18.80
C3 BMA F . 26.63 -12.68 19.88
C4 BMA F . 25.83 -12.83 21.23
C5 BMA F . 24.27 -12.82 21.11
C6 BMA F . 23.57 -12.50 22.46
O2 BMA F . 26.22 -10.51 19.04
O3 BMA F . 27.88 -12.05 20.17
O4 BMA F . 26.23 -14.04 21.87
O5 BMA F . 23.87 -11.86 20.10
O6 BMA F . 22.14 -12.47 22.30
C1 MAN F . 28.99 -12.70 19.49
C2 MAN F . 30.30 -12.33 20.27
C3 MAN F . 30.76 -10.92 19.90
C4 MAN F . 30.97 -10.81 18.39
C5 MAN F . 29.62 -11.07 17.68
C6 MAN F . 29.74 -11.05 16.15
O2 MAN F . 31.39 -13.19 19.91
O3 MAN F . 31.93 -10.54 20.59
O4 MAN F . 31.46 -9.52 18.03
O5 MAN F . 29.07 -12.38 18.07
O6 MAN F . 28.45 -11.29 15.57
C1 FUC F . 19.95 -6.99 13.24
C2 FUC F . 21.35 -6.47 12.93
C3 FUC F . 21.62 -6.36 11.43
C4 FUC F . 20.47 -5.62 10.72
C5 FUC F . 19.12 -6.23 11.07
C6 FUC F . 17.95 -5.41 10.56
O2 FUC F . 22.34 -7.30 13.54
O3 FUC F . 22.83 -5.63 11.19
O4 FUC F . 20.46 -4.28 11.16
O5 FUC F . 18.94 -6.31 12.49
C1 NAG G . 33.37 8.43 4.49
C2 NAG G . 33.08 9.19 3.23
C3 NAG G . 31.84 8.58 2.56
C4 NAG G . 32.10 7.12 2.22
C5 NAG G . 32.59 6.31 3.43
C6 NAG G . 33.20 4.97 3.02
C7 NAG G . 33.84 11.51 3.21
C8 NAG G . 35.14 10.97 2.65
N2 NAG G . 32.89 10.60 3.47
O3 NAG G . 31.53 9.32 1.38
O4 NAG G . 30.91 6.52 1.71
O5 NAG G . 33.62 7.00 4.17
O6 NAG G . 33.18 4.00 4.05
O7 NAG G . 33.68 12.71 3.42
C1 NAG G . 30.84 6.47 0.26
C2 NAG G . 29.94 5.29 -0.20
C3 NAG G . 29.78 5.31 -1.73
C4 NAG G . 29.36 6.68 -2.23
C5 NAG G . 30.34 7.73 -1.72
C6 NAG G . 29.96 9.14 -2.14
C7 NAG G . 30.18 3.45 1.41
C8 NAG G . 30.83 2.12 1.69
N2 NAG G . 30.47 4.02 0.24
O3 NAG G . 28.81 4.34 -2.12
O4 NAG G . 29.32 6.71 -3.65
O5 NAG G . 30.36 7.70 -0.29
O6 NAG G . 29.98 10.02 -1.02
O7 NAG G . 29.43 3.98 2.23
C1 NAG H . -17.30 -15.32 -26.60
C2 NAG H . -17.88 -16.07 -25.38
C3 NAG H . -19.09 -16.91 -25.82
C4 NAG H . -20.11 -16.07 -26.59
C5 NAG H . -19.43 -15.31 -27.72
C6 NAG H . -20.36 -14.32 -28.39
C7 NAG H . -16.79 -17.22 -23.46
C8 NAG H . -17.85 -16.65 -22.57
N2 NAG H . -16.86 -16.91 -24.77
O3 NAG H . -19.74 -17.52 -24.70
O4 NAG H . -21.10 -16.93 -27.13
O5 NAG H . -18.33 -14.54 -27.22
O6 NAG H . -20.36 -14.47 -29.80
O7 NAG H . -15.90 -17.94 -23.02
C1 NAG I . 1.60 -8.82 -31.41
C2 NAG I . 2.93 -8.88 -32.13
C3 NAG I . 3.51 -7.48 -32.20
C4 NAG I . 2.55 -6.60 -33.00
C5 NAG I . 1.11 -6.64 -32.46
C6 NAG I . 0.13 -6.04 -33.44
C7 NAG I . 4.09 -11.04 -31.96
C8 NAG I . 3.33 -11.43 -33.20
N2 NAG I . 3.86 -9.80 -31.49
O3 NAG I . 4.80 -7.52 -32.80
O4 NAG I . 3.03 -5.25 -32.98
O5 NAG I . 0.66 -7.99 -32.18
O6 NAG I . -1.18 -5.86 -32.91
O7 NAG I . 4.89 -11.80 -31.42
C1 GOL J . 7.53 -6.34 -14.65
O1 GOL J . 7.26 -5.14 -15.29
C2 GOL J . 8.17 -5.98 -13.25
O2 GOL J . 9.54 -5.99 -13.29
C3 GOL J . 7.61 -4.57 -12.80
O3 GOL J . 7.92 -4.43 -11.41
N1 EPE K . -16.99 0.26 -20.56
C2 EPE K . -18.15 0.56 -21.40
C3 EPE K . -17.93 1.83 -22.24
N4 EPE K . -17.30 2.95 -21.56
C5 EPE K . -16.52 2.67 -20.35
C6 EPE K . -16.86 1.39 -19.61
C7 EPE K . -16.89 4.13 -22.33
C8 EPE K . -18.02 4.93 -22.99
O8 EPE K . -17.51 5.58 -24.12
C9 EPE K . -17.26 -0.90 -19.71
C10 EPE K . -16.86 -2.20 -20.37
S EPE K . -17.01 -3.64 -19.27
O1S EPE K . -15.68 -4.23 -19.14
O2S EPE K . -17.49 -3.28 -17.93
O3S EPE K . -17.94 -4.64 -19.83
CA AKR L . -0.15 -20.69 -5.79
CB AKR L . 0.34 -19.46 -6.03
C AKR L . -1.60 -20.95 -6.30
O AKR L . -2.59 -20.27 -5.87
OXT AKR L . -1.82 -21.90 -7.13
CA AKR M . 2.51 3.23 -11.99
CB AKR M . 3.18 2.09 -12.19
C AKR M . 1.69 3.83 -13.18
O AKR M . 0.69 4.57 -12.95
OXT AKR M . 1.98 3.59 -14.40
C1 NAG N . -18.13 -6.80 31.93
C2 NAG N . -18.76 -5.84 32.96
C3 NAG N . -19.35 -4.64 32.24
C4 NAG N . -18.26 -3.95 31.42
C5 NAG N . -17.58 -4.93 30.47
C6 NAG N . -16.37 -4.34 29.79
C7 NAG N . -20.95 -6.96 33.37
C8 NAG N . -21.82 -7.61 34.41
N2 NAG N . -19.76 -6.50 33.79
O3 NAG N . -19.94 -3.74 33.17
O4 NAG N . -18.83 -2.88 30.66
O5 NAG N . -17.11 -6.09 31.18
O6 NAG N . -15.19 -5.09 30.08
O7 NAG N . -21.31 -6.87 32.19
C1 NAG O . -4.91 -20.61 39.41
C2 NAG O . -3.68 -21.45 39.69
C3 NAG O . -4.07 -22.82 40.28
C4 NAG O . -5.14 -22.70 41.38
C5 NAG O . -6.27 -21.76 40.96
C6 NAG O . -7.25 -21.48 42.08
C7 NAG O . -1.69 -22.15 38.40
C8 NAG O . -1.11 -22.29 37.02
N2 NAG O . -2.93 -21.64 38.46
O3 NAG O . -2.92 -23.44 40.83
O4 NAG O . -5.68 -23.99 41.63
O5 NAG O . -5.71 -20.50 40.58
O6 NAG O . -8.58 -21.34 41.60
O7 NAG O . -1.06 -22.47 39.41
C1 GOL P . 4.06 -14.64 17.43
O1 GOL P . 3.28 -15.82 17.66
C2 GOL P . 3.80 -13.52 18.57
O2 GOL P . 2.50 -13.48 19.08
C3 GOL P . 4.87 -13.72 19.70
O3 GOL P . 4.25 -13.52 20.94
C1 GOL Q . -3.05 -2.80 23.71
O1 GOL Q . -2.88 -3.57 22.56
C2 GOL Q . -3.53 -1.50 23.09
O2 GOL Q . -4.23 -1.80 21.93
C3 GOL Q . -4.40 -0.82 24.21
O3 GOL Q . -5.03 0.28 23.61
N1 EPE R . -25.02 -20.72 26.02
C2 EPE R . -24.24 -21.76 26.71
C3 EPE R . -24.98 -22.21 27.97
N4 EPE R . -26.36 -22.56 27.72
C5 EPE R . -27.12 -21.56 27.02
C6 EPE R . -26.40 -21.15 25.72
C7 EPE R . -26.72 -23.97 27.56
C8 EPE R . -26.58 -24.80 28.83
O8 EPE R . -27.82 -24.89 29.50
C9 EPE R . -25.08 -19.52 26.83
C10 EPE R . -23.66 -18.97 26.97
S EPE R . -22.99 -18.23 25.45
O1S EPE R . -23.69 -16.98 25.11
O2S EPE R . -21.59 -17.93 25.73
O3S EPE R . -23.13 -19.18 24.36
CA AKR S . 0.60 -28.14 21.87
CB AKR S . -0.54 -28.80 21.76
C AKR S . 0.56 -27.35 23.19
O AKR S . 1.58 -26.74 23.63
OXT AKR S . -0.51 -27.29 23.83
C1 NAG T . 6.37 3.33 -15.07
C2 NAG T . 6.61 1.99 -14.37
C3 NAG T . 7.13 0.96 -15.37
C4 NAG T . 6.18 0.84 -16.56
C5 NAG T . 5.97 2.21 -17.19
C6 NAG T . 4.96 2.21 -18.31
C7 NAG T . 7.36 1.58 -12.07
C8 NAG T . 8.41 1.87 -11.03
N2 NAG T . 7.53 2.16 -13.26
O3 NAG T . 7.28 -0.31 -14.73
O4 NAG T . 6.71 -0.06 -17.52
O5 NAG T . 5.49 3.13 -16.20
O6 NAG T . 4.59 3.53 -18.69
O7 NAG T . 6.39 0.86 -11.82
C1 NAG U . -9.60 12.23 -4.08
C2 NAG U . -10.85 12.25 -3.21
C3 NAG U . -10.87 13.50 -2.34
C4 NAG U . -9.55 13.68 -1.58
C5 NAG U . -8.34 13.51 -2.51
C6 NAG U . -7.01 13.51 -1.79
C7 NAG U . -12.89 11.14 -4.03
C8 NAG U . -12.53 10.00 -3.10
N2 NAG U . -12.05 12.17 -4.03
O3 NAG U . -11.96 13.41 -1.43
O4 NAG U . -9.52 14.97 -0.98
O5 NAG U . -8.44 12.29 -3.25
O6 NAG U . -6.81 12.35 -1.00
O7 NAG U . -13.90 11.11 -4.74
CA AKR V . -11.86 13.84 -31.68
CB AKR V . -13.03 14.49 -31.60
C AKR V . -11.82 12.49 -30.90
O AKR V . -12.50 12.34 -29.83
OXT AKR V . -11.11 11.52 -31.30
C1 NAG W . -29.78 13.86 -37.19
C2 NAG W . -30.98 14.59 -36.60
C3 NAG W . -31.28 14.05 -35.20
C4 NAG W . -31.52 12.54 -35.25
C5 NAG W . -30.38 11.81 -35.95
C6 NAG W . -30.71 10.35 -36.24
C7 NAG W . -29.96 16.85 -36.04
C8 NAG W . -28.89 16.19 -35.19
N2 NAG W . -30.87 16.05 -36.64
O3 NAG W . -32.41 14.72 -34.66
O4 NAG W . -31.67 12.02 -33.94
O5 NAG W . -30.04 12.41 -37.22
O6 NAG W . -30.38 9.96 -37.57
O7 NAG W . -30.01 18.06 -36.18
C1 NAG X . -2.06 9.05 26.90
C2 NAG X . -3.32 8.14 26.98
C3 NAG X . -3.05 6.83 27.74
C4 NAG X . -1.78 6.15 27.24
C5 NAG X . -0.61 7.13 27.28
C6 NAG X . 0.69 6.55 26.77
C7 NAG X . -4.67 9.38 28.73
C8 NAG X . -3.54 9.29 29.73
N2 NAG X . -4.49 8.83 27.51
O3 NAG X . -4.15 5.95 27.59
O4 NAG X . -1.48 5.03 28.06
O5 NAG X . -0.92 8.26 26.46
O6 NAG X . 0.54 5.71 25.64
O7 NAG X . -5.72 9.94 29.03
C1 NAG Y . -4.92 16.30 8.31
C2 NAG Y . -4.88 16.84 6.86
C3 NAG Y . -5.54 18.24 6.82
C4 NAG Y . -6.90 18.24 7.52
C5 NAG Y . -6.82 17.57 8.89
C6 NAG Y . -8.17 17.43 9.57
C7 NAG Y . -3.16 17.25 5.14
C8 NAG Y . -1.69 17.29 4.85
N2 NAG Y . -3.51 16.92 6.39
O3 NAG Y . -5.70 18.66 5.47
O4 NAG Y . -7.33 19.58 7.69
O5 NAG Y . -6.27 16.25 8.77
O6 NAG Y . -8.32 18.35 10.64
O7 NAG Y . -4.00 17.52 4.27
#